data_8T9F
#
_entry.id   8T9F
#
_cell.length_a   1.00
_cell.length_b   1.00
_cell.length_c   1.00
_cell.angle_alpha   90.00
_cell.angle_beta   90.00
_cell.angle_gamma   90.00
#
_symmetry.space_group_name_H-M   'P 1'
#
loop_
_entity.id
_entity.type
_entity.pdbx_description
1 polymer 'Histone-lysine N-methyltransferase KMT5B'
2 polymer 'DNA (122-MER)'
3 polymer 'DNA (122-MER)'
4 polymer 'Histone H4'
5 polymer 'Histone H3.2'
6 polymer 'Histone H2A.Z'
7 polymer 'Histone H2B 1.1'
8 non-polymer S-ADENOSYLMETHIONINE
#
loop_
_entity_poly.entity_id
_entity_poly.type
_entity_poly.pdbx_seq_one_letter_code
_entity_poly.pdbx_strand_id
1 'polypeptide(L)'
;MKWLGESKNMVVNGRRNGGKLSNDHQQNQSKLQHTGKDTLKAGKNAVERRSNRCNGNSGFEGQSRYVPSSGMSAKELCEN
DDLATSLVLDPYLGFQTHKMNTSAFPSRSSRHFSKSDSFSHNNPVRFRPIKGRQEELKEVIERFKKDEHLEKAFKCLTSG
EWARHYFLNKNKMQEKLFKEHVFIYLRMFATDSGFEILPCNRYSSEQNGAKIVATKEWKRNDKIELLVGCIAELSEIEEN
MLLRHGENDFSVMYSTRKNCAQLWLGPAAFINHDCRPNCKFVSTGRDTACVKALRDIEPGEEISCYYGDGFFGENNEFCE
CYTCERRGTGAFKSRVGLPAPAPVINSKYGLRETDKRLNRLKKLGDSSKNSDSQSVSSNTDADTTQEKNNASK
;
K
2 'polydeoxyribonucleotide'
;(DT)(DC)(DG)(DA)(DG)(DA)(DA)(DT)(DC)(DC)(DC)(DG)(DG)(DT)(DG)(DC)(DC)(DG)(DA)(DG)
(DG)(DC)(DC)(DG)(DC)(DT)(DC)(DA)(DA)(DT)(DT)(DG)(DG)(DT)(DC)(DG)(DT)(DA)(DG)(DA)
(DC)(DA)(DG)(DC)(DT)(DC)(DT)(DA)(DG)(DC)(DA)(DC)(DC)(DG)(DC)(DT)(DT)(DA)(DA)(DA)
(DC)(DG)(DC)(DA)(DC)(DG)(DT)(DA)(DC)(DG)(DG)(DA)(DT)(DT)(DC)(DT)(DC)(DC)(DC)(DC)
(DC)(DG)(DC)(DG)(DT)(DT)(DT)(DT)(DA)(DA)(DC)(DC)(DG)(DC)(DC)(DA)(DA)(DG)(DG)(DG)
(DG)(DA)(DT)(DT)(DA)(DC)(DT)(DC)(DC)(DC)(DT)(DA)(DG)(DT)(DC)(DT)(DC)(DC)(DA)(DG)
(DG)(DC)(DA)(DC)(DG)(DT)(DG)(DT)(DC)(DA)(DG)(DA)(DT)(DA)(DT)(DA)(DT)(DA)(DC)(DA)
(DT)(DC)(DC)(DG)(DA)(DT)
;
I
3 'polydeoxyribonucleotide'
;(DA)(DT)(DC)(DG)(DG)(DA)(DT)(DG)(DT)(DA)(DT)(DA)(DT)(DA)(DT)(DC)(DT)(DG)(DA)(DC)
(DA)(DC)(DG)(DT)(DG)(DC)(DC)(DT)(DG)(DG)(DA)(DG)(DA)(DC)(DT)(DA)(DG)(DG)(DG)(DA)
(DG)(DT)(DA)(DA)(DT)(DC)(DC)(DC)(DC)(DT)(DT)(DG)(DG)(DC)(DG)(DG)(DT)(DT)(DA)(DA)
(DA)(DA)(DC)(DG)(DC)(DG)(DG)(DG)(DG)(DG)(DA)(DG)(DA)(DA)(DT)(DC)(DC)(DG)(DT)(DA)
(DC)(DG)(DT)(DG)(DC)(DG)(DT)(DT)(DT)(DA)(DA)(DG)(DC)(DG)(DG)(DT)(DG)(DC)(DT)(DA)
(DG)(DA)(DG)(DC)(DT)(DG)(DT)(DC)(DT)(DA)(DC)(DG)(DA)(DC)(DC)(DA)(DA)(DT)(DT)(DG)
(DA)(DG)(DC)(DG)(DG)(DC)(DC)(DT)(DC)(DG)(DG)(DC)(DA)(DC)(DC)(DG)(DG)(DG)(DA)(DT)
(DT)(DC)(DT)(DC)(DG)(DA)
;
J
4 'polypeptide(L)'
;MSGRGKGGKGLGKGGAKRHRMVLRDNIQGITKPAIRRLARRGGVKRISGLIYEETRGVLKVFLENVIRDAVTYTEHAKRK
TVTAMDVVYALKRQGRTLYGFGG
;
B,F
5 'polypeptide(L)'
;ARTKQTARKSTGGKAPRKQLATKAARKSAPATGGVKKPHRYRPGTVALREIRRYQKSTELLIRKLPFQRLVREIAQDFKT
DLRFQSSAVMALQEASEAYLVALFEDTNLCAIHAKRVTIMPKDIQLARRIRGERA
;
A,E
6 'polypeptide(L)'
;MAGGKAGKDSGKAKTKAVSRSQRAGLQFPVGRIHRHLKSRTTSHGRVGATAAVYSAAILEYLTAEVLELAGNASKDLKVK
RITPRHLQLAIRGDEELDSLIKATIAGGGVIPHIHKSLIGKKGQQKTV
;
G,C
7 'polypeptide(L)'
;MAKSAPAPKKGSKKAVTKTQKKDGKKRRKTRKESYAIYVYKVLKQVHPDTGISSKAMSIMNSFVNDVFERIAGEASRLAH
YNKRSTITSREIQTAVRLLLPGELAKHAVSEGTKAVTKYTSAK
;
H,D
#
# COMPACT_ATOMS: atom_id res chain seq x y z
N MET A 72 -24.31 -33.06 -5.28
CA MET A 72 -23.97 -33.66 -4.01
C MET A 72 -24.69 -32.97 -2.86
N SER A 73 -25.55 -33.71 -2.16
CA SER A 73 -26.32 -33.18 -1.05
C SER A 73 -25.57 -33.39 0.26
N ALA A 74 -26.20 -32.96 1.36
CA ALA A 74 -25.53 -32.99 2.65
C ALA A 74 -25.45 -34.40 3.22
N LYS A 75 -26.53 -35.19 3.07
CA LYS A 75 -26.61 -36.47 3.77
C LYS A 75 -25.59 -37.47 3.23
N GLU A 76 -25.51 -37.63 1.91
CA GLU A 76 -24.58 -38.60 1.35
C GLU A 76 -23.14 -38.11 1.51
N LEU A 77 -22.92 -36.80 1.55
CA LEU A 77 -21.58 -36.28 1.82
C LEU A 77 -21.16 -36.61 3.25
N CYS A 78 -22.08 -36.46 4.21
CA CYS A 78 -21.79 -36.84 5.58
C CYS A 78 -21.51 -38.33 5.70
N GLU A 79 -22.29 -39.16 4.99
CA GLU A 79 -22.05 -40.60 5.02
C GLU A 79 -20.69 -40.96 4.42
N ASN A 80 -20.35 -40.33 3.29
CA ASN A 80 -19.05 -40.60 2.66
C ASN A 80 -17.90 -40.14 3.54
N ASP A 81 -18.04 -38.98 4.20
CA ASP A 81 -16.98 -38.50 5.07
C ASP A 81 -16.83 -39.39 6.30
N ASP A 82 -17.94 -39.86 6.86
CA ASP A 82 -17.86 -40.79 7.99
C ASP A 82 -17.20 -42.09 7.58
N LEU A 83 -17.55 -42.62 6.39
CA LEU A 83 -16.92 -43.85 5.91
C LEU A 83 -15.43 -43.66 5.67
N ALA A 84 -15.05 -42.51 5.09
CA ALA A 84 -13.63 -42.26 4.82
C ALA A 84 -12.84 -42.09 6.11
N THR A 85 -13.41 -41.40 7.10
CA THR A 85 -12.72 -41.24 8.38
C THR A 85 -12.60 -42.58 9.11
N SER A 86 -13.65 -43.40 9.06
CA SER A 86 -13.58 -44.73 9.68
C SER A 86 -12.68 -45.67 8.91
N LEU A 87 -12.38 -45.38 7.65
CA LEU A 87 -11.52 -46.23 6.84
C LEU A 87 -10.08 -45.72 6.75
N VAL A 88 -9.82 -44.45 7.06
CA VAL A 88 -8.47 -43.91 6.93
C VAL A 88 -7.98 -43.36 8.27
N LEU A 89 -8.67 -42.35 8.80
CA LEU A 89 -8.19 -41.67 9.99
C LEU A 89 -8.34 -42.54 11.23
N ASP A 90 -9.48 -43.22 11.36
CA ASP A 90 -9.72 -44.07 12.53
C ASP A 90 -8.72 -45.21 12.67
N PRO A 91 -8.38 -45.99 11.63
CA PRO A 91 -7.34 -47.01 11.83
C PRO A 91 -5.95 -46.41 12.04
N TYR A 92 -5.66 -45.29 11.39
CA TYR A 92 -4.31 -44.72 11.47
C TYR A 92 -4.02 -44.15 12.85
N LEU A 93 -4.95 -43.35 13.38
CA LEU A 93 -4.74 -42.71 14.67
C LEU A 93 -5.20 -43.55 15.85
N GLY A 94 -5.94 -44.64 15.61
CA GLY A 94 -6.33 -45.54 16.67
C GLY A 94 -7.53 -45.12 17.47
N PHE A 95 -8.13 -43.96 17.18
CA PHE A 95 -9.31 -43.51 17.88
C PHE A 95 -10.33 -42.98 16.89
N GLN A 96 -11.59 -42.99 17.30
CA GLN A 96 -12.68 -42.56 16.44
C GLN A 96 -12.71 -41.04 16.36
N THR A 97 -12.62 -40.52 15.14
CA THR A 97 -12.66 -39.08 14.91
C THR A 97 -14.10 -38.58 14.92
N HIS A 98 -14.28 -37.29 14.66
CA HIS A 98 -15.60 -36.69 14.69
C HIS A 98 -16.43 -37.21 13.53
N LYS A 99 -17.66 -37.62 13.81
CA LYS A 99 -18.56 -38.19 12.81
C LYS A 99 -19.92 -37.53 12.93
N MET A 100 -20.60 -37.41 11.80
CA MET A 100 -21.97 -36.90 11.79
C MET A 100 -23.01 -37.94 12.17
N ASN A 101 -22.62 -39.21 12.16
CA ASN A 101 -23.47 -40.38 12.47
C ASN A 101 -24.88 -40.25 11.90
N THR A 102 -24.94 -39.93 10.61
CA THR A 102 -26.23 -39.78 9.93
C THR A 102 -26.55 -41.03 9.11
N ARG A 133 -9.54 -55.08 8.94
CA ARG A 133 -8.67 -54.63 7.85
C ARG A 133 -7.78 -53.47 8.29
N GLN A 134 -7.57 -53.36 9.61
CA GLN A 134 -6.73 -52.30 10.14
C GLN A 134 -5.27 -52.52 9.80
N GLU A 135 -4.77 -53.75 9.97
CA GLU A 135 -3.42 -54.07 9.52
C GLU A 135 -3.31 -53.96 8.01
N GLU A 136 -4.36 -54.36 7.30
CA GLU A 136 -4.40 -54.15 5.85
C GLU A 136 -4.39 -52.67 5.51
N LEU A 137 -5.05 -51.83 6.32
CA LEU A 137 -5.01 -50.39 6.09
C LEU A 137 -3.62 -49.83 6.32
N LYS A 138 -2.91 -50.33 7.34
CA LYS A 138 -1.53 -49.89 7.56
C LYS A 138 -0.63 -50.32 6.42
N GLU A 139 -0.82 -51.54 5.90
CA GLU A 139 -0.08 -51.97 4.72
C GLU A 139 -0.41 -51.10 3.51
N VAL A 140 -1.67 -50.71 3.38
CA VAL A 140 -2.09 -49.87 2.26
C VAL A 140 -1.42 -48.50 2.32
N ILE A 141 -1.41 -47.88 3.51
CA ILE A 141 -0.81 -46.56 3.62
C ILE A 141 0.71 -46.64 3.50
N GLU A 142 1.32 -47.74 3.96
CA GLU A 142 2.75 -47.94 3.74
C GLU A 142 3.07 -48.08 2.26
N ARG A 143 2.27 -48.85 1.54
CA ARG A 143 2.46 -49.01 0.10
C ARG A 143 2.25 -47.68 -0.62
N PHE A 144 1.30 -46.88 -0.16
CA PHE A 144 1.07 -45.58 -0.77
C PHE A 144 2.24 -44.63 -0.53
N LYS A 145 2.75 -44.58 0.70
CA LYS A 145 3.89 -43.69 0.96
C LYS A 145 5.19 -44.22 0.39
N LYS A 146 5.23 -45.50 0.00
CA LYS A 146 6.43 -46.05 -0.62
C LYS A 146 6.41 -45.98 -2.15
N ASP A 147 5.23 -46.09 -2.77
CA ASP A 147 5.13 -46.17 -4.22
C ASP A 147 4.29 -45.08 -4.86
N GLU A 148 3.61 -44.24 -4.07
CA GLU A 148 2.76 -43.16 -4.56
C GLU A 148 1.67 -43.68 -5.51
N HIS A 149 1.08 -44.82 -5.15
CA HIS A 149 0.01 -45.44 -5.94
C HIS A 149 -1.28 -45.42 -5.12
N LEU A 150 -2.25 -44.64 -5.58
CA LEU A 150 -3.57 -44.59 -4.94
C LEU A 150 -4.55 -45.57 -5.56
N GLU A 151 -4.34 -45.95 -6.83
CA GLU A 151 -5.21 -46.93 -7.47
C GLU A 151 -5.08 -48.30 -6.83
N LYS A 152 -3.86 -48.66 -6.40
CA LYS A 152 -3.67 -49.90 -5.67
C LYS A 152 -4.40 -49.86 -4.33
N ALA A 153 -4.39 -48.70 -3.67
CA ALA A 153 -5.14 -48.54 -2.43
C ALA A 153 -6.63 -48.70 -2.66
N PHE A 154 -7.14 -48.12 -3.76
CA PHE A 154 -8.55 -48.27 -4.09
C PHE A 154 -8.91 -49.72 -4.37
N LYS A 155 -8.04 -50.43 -5.12
CA LYS A 155 -8.30 -51.84 -5.41
C LYS A 155 -8.28 -52.69 -4.15
N CYS A 156 -7.35 -52.39 -3.22
CA CYS A 156 -7.30 -53.16 -1.98
C CYS A 156 -8.50 -52.85 -1.08
N LEU A 157 -8.96 -51.60 -1.06
CA LEU A 157 -10.12 -51.26 -0.25
C LEU A 157 -11.42 -51.78 -0.87
N THR A 158 -11.42 -52.02 -2.19
CA THR A 158 -12.59 -52.61 -2.83
C THR A 158 -12.84 -54.04 -2.36
N SER A 159 -11.82 -54.73 -1.84
CA SER A 159 -11.96 -56.09 -1.36
C SER A 159 -12.79 -56.20 -0.09
N GLY A 160 -13.07 -55.08 0.58
CA GLY A 160 -13.90 -55.13 1.77
C GLY A 160 -15.32 -55.53 1.42
N GLU A 161 -15.89 -56.42 2.25
CA GLU A 161 -17.24 -56.91 2.00
C GLU A 161 -18.27 -55.79 2.13
N TRP A 162 -18.13 -54.96 3.17
CA TRP A 162 -19.05 -53.83 3.34
C TRP A 162 -18.90 -52.81 2.21
N ALA A 163 -17.66 -52.55 1.79
CA ALA A 163 -17.44 -51.63 0.67
C ALA A 163 -18.02 -52.17 -0.61
N ARG A 164 -17.86 -53.48 -0.86
CA ARG A 164 -18.43 -54.09 -2.06
C ARG A 164 -19.95 -54.06 -2.02
N HIS A 165 -20.55 -54.32 -0.87
CA HIS A 165 -22.00 -54.25 -0.74
C HIS A 165 -22.52 -52.84 -0.98
N TYR A 166 -21.82 -51.83 -0.43
CA TYR A 166 -22.22 -50.45 -0.65
C TYR A 166 -22.06 -50.04 -2.11
N PHE A 167 -21.00 -50.53 -2.77
CA PHE A 167 -20.83 -50.28 -4.20
C PHE A 167 -21.95 -50.91 -5.01
N LEU A 168 -22.36 -52.12 -4.64
CA LEU A 168 -23.50 -52.76 -5.29
C LEU A 168 -24.81 -52.04 -4.99
N ASN A 169 -24.90 -51.35 -3.86
CA ASN A 169 -26.10 -50.61 -3.50
C ASN A 169 -26.08 -49.14 -3.92
N LYS A 170 -25.04 -48.70 -4.63
CA LYS A 170 -24.91 -47.32 -5.05
C LYS A 170 -24.62 -47.25 -6.54
N ASN A 171 -24.94 -46.11 -7.13
CA ASN A 171 -24.72 -45.87 -8.55
C ASN A 171 -23.23 -45.69 -8.85
N LYS A 172 -22.87 -45.84 -10.13
CA LYS A 172 -21.48 -45.69 -10.54
C LYS A 172 -20.97 -44.28 -10.30
N MET A 173 -21.82 -43.27 -10.54
CA MET A 173 -21.44 -41.90 -10.23
C MET A 173 -21.22 -41.72 -8.73
N GLN A 174 -22.09 -42.32 -7.91
CA GLN A 174 -21.91 -42.27 -6.46
C GLN A 174 -20.64 -43.01 -6.04
N GLU A 175 -20.35 -44.14 -6.70
CA GLU A 175 -19.13 -44.88 -6.41
C GLU A 175 -17.89 -44.05 -6.73
N LYS A 176 -17.89 -43.35 -7.86
CA LYS A 176 -16.74 -42.52 -8.22
C LYS A 176 -16.63 -41.30 -7.30
N LEU A 177 -17.77 -40.75 -6.87
CA LEU A 177 -17.74 -39.64 -5.91
C LEU A 177 -17.15 -40.09 -4.57
N PHE A 178 -17.54 -41.28 -4.11
CA PHE A 178 -16.97 -41.84 -2.89
C PHE A 178 -15.48 -42.13 -3.06
N LYS A 179 -15.08 -42.61 -4.23
CA LYS A 179 -13.67 -42.87 -4.50
C LYS A 179 -12.85 -41.59 -4.45
N GLU A 180 -13.38 -40.50 -5.04
CA GLU A 180 -12.69 -39.21 -4.96
C GLU A 180 -12.65 -38.67 -3.54
N HIS A 181 -13.72 -38.88 -2.77
CA HIS A 181 -13.74 -38.41 -1.38
C HIS A 181 -12.74 -39.19 -0.53
N VAL A 182 -12.51 -40.46 -0.85
CA VAL A 182 -11.44 -41.20 -0.19
C VAL A 182 -10.07 -40.70 -0.67
N PHE A 183 -9.96 -40.39 -1.96
CA PHE A 183 -8.68 -39.97 -2.52
C PHE A 183 -8.21 -38.63 -1.97
N ILE A 184 -9.14 -37.71 -1.69
CA ILE A 184 -8.71 -36.42 -1.15
C ILE A 184 -8.15 -36.58 0.26
N TYR A 185 -8.62 -37.58 1.01
CA TYR A 185 -8.00 -37.91 2.28
C TYR A 185 -6.67 -38.63 2.10
N LEU A 186 -6.59 -39.52 1.11
CA LEU A 186 -5.36 -40.29 0.90
C LEU A 186 -4.22 -39.43 0.39
N ARG A 187 -4.54 -38.33 -0.31
CA ARG A 187 -3.51 -37.50 -0.93
C ARG A 187 -2.62 -36.79 0.07
N MET A 188 -3.09 -36.59 1.31
CA MET A 188 -2.31 -35.84 2.28
C MET A 188 -1.16 -36.64 2.87
N PHE A 189 -1.08 -37.94 2.59
CA PHE A 189 0.00 -38.78 3.10
C PHE A 189 1.24 -38.75 2.21
N ALA A 190 1.20 -38.04 1.09
CA ALA A 190 2.35 -37.96 0.22
C ALA A 190 3.46 -37.14 0.87
N THR A 191 4.70 -37.38 0.43
CA THR A 191 5.86 -36.73 1.03
C THR A 191 5.91 -35.24 0.72
N ASP A 192 5.27 -34.79 -0.36
CA ASP A 192 5.26 -33.38 -0.73
C ASP A 192 4.04 -32.65 -0.22
N SER A 193 3.21 -33.30 0.59
CA SER A 193 2.05 -32.64 1.18
C SER A 193 2.48 -31.54 2.14
N GLY A 194 3.52 -31.79 2.94
CA GLY A 194 4.04 -30.79 3.84
C GLY A 194 3.27 -30.62 5.13
N PHE A 195 2.33 -31.51 5.44
CA PHE A 195 1.58 -31.42 6.68
C PHE A 195 1.12 -32.82 7.08
N GLU A 196 0.74 -32.95 8.35
CA GLU A 196 0.26 -34.22 8.88
C GLU A 196 -0.73 -33.94 9.99
N ILE A 197 -1.47 -34.98 10.37
CA ILE A 197 -2.48 -34.90 11.42
C ILE A 197 -1.97 -35.66 12.63
N LEU A 198 -2.01 -35.00 13.79
CA LEU A 198 -1.51 -35.56 15.03
C LEU A 198 -2.59 -35.46 16.11
N PRO A 199 -2.61 -36.40 17.05
CA PRO A 199 -3.58 -36.31 18.16
C PRO A 199 -3.34 -35.06 18.99
N CYS A 200 -4.43 -34.46 19.46
CA CYS A 200 -4.37 -33.26 20.29
C CYS A 200 -5.36 -33.39 21.43
N ASN A 201 -4.89 -33.10 22.65
CA ASN A 201 -5.72 -33.19 23.84
C ASN A 201 -5.80 -31.89 24.62
N ARG A 202 -5.23 -30.79 24.09
CA ARG A 202 -5.22 -29.53 24.82
C ARG A 202 -6.62 -28.96 25.04
N TYR A 203 -7.43 -28.94 23.99
CA TYR A 203 -8.72 -28.29 24.05
C TYR A 203 -9.72 -29.15 24.82
N SER A 204 -10.53 -28.48 25.63
CA SER A 204 -11.51 -29.15 26.47
C SER A 204 -12.79 -29.40 25.66
N SER A 205 -13.71 -30.18 26.25
CA SER A 205 -14.99 -30.57 25.64
C SER A 205 -14.77 -31.23 24.28
N GLU A 206 -13.71 -32.02 24.16
CA GLU A 206 -13.38 -32.70 22.92
C GLU A 206 -13.61 -34.20 23.06
N GLN A 207 -13.48 -34.90 21.94
CA GLN A 207 -13.53 -36.36 21.91
C GLN A 207 -12.51 -36.81 20.86
N ASN A 208 -11.31 -37.17 21.32
CA ASN A 208 -10.20 -37.60 20.47
C ASN A 208 -9.85 -36.50 19.45
N GLY A 209 -9.42 -35.36 19.98
CA GLY A 209 -9.11 -34.23 19.12
C GLY A 209 -7.85 -34.44 18.30
N ALA A 210 -7.75 -33.68 17.22
CA ALA A 210 -6.63 -33.77 16.30
C ALA A 210 -6.24 -32.36 15.84
N LYS A 211 -5.01 -32.24 15.36
CA LYS A 211 -4.47 -30.98 14.88
C LYS A 211 -3.62 -31.25 13.64
N ILE A 212 -3.43 -30.20 12.84
CA ILE A 212 -2.64 -30.27 11.62
C ILE A 212 -1.34 -29.53 11.86
N VAL A 213 -0.22 -30.23 11.66
CA VAL A 213 1.11 -29.69 11.87
C VAL A 213 1.86 -29.70 10.55
N ALA A 214 2.49 -28.59 10.21
CA ALA A 214 3.22 -28.46 8.95
C ALA A 214 4.61 -29.07 9.07
N THR A 215 5.11 -29.58 7.94
CA THR A 215 6.46 -30.11 7.83
C THR A 215 7.10 -29.66 6.52
N LYS A 216 6.93 -28.38 6.19
CA LYS A 216 7.48 -27.83 4.96
C LYS A 216 7.82 -26.37 5.20
N GLU A 217 8.13 -25.65 4.12
CA GLU A 217 8.59 -24.27 4.20
C GLU A 217 7.62 -23.36 3.45
N TRP A 218 6.32 -23.50 3.74
CA TRP A 218 5.32 -22.64 3.13
C TRP A 218 5.61 -21.17 3.41
N LYS A 219 5.61 -20.37 2.35
CA LYS A 219 5.93 -18.95 2.47
C LYS A 219 4.64 -18.15 2.65
N ARG A 220 4.78 -16.83 2.65
CA ARG A 220 3.62 -15.94 2.75
C ARG A 220 2.78 -16.03 1.48
N ASN A 221 1.46 -16.00 1.65
CA ASN A 221 0.48 -16.04 0.55
C ASN A 221 0.66 -17.29 -0.31
N ASP A 222 0.83 -18.44 0.35
CA ASP A 222 0.93 -19.73 -0.31
C ASP A 222 -0.34 -20.52 -0.04
N LYS A 223 -0.93 -21.08 -1.10
CA LYS A 223 -2.12 -21.89 -0.98
C LYS A 223 -1.72 -23.34 -0.76
N ILE A 224 -2.19 -23.93 0.34
CA ILE A 224 -1.95 -25.34 0.61
C ILE A 224 -2.88 -26.16 -0.26
N GLU A 225 -2.36 -26.62 -1.40
CA GLU A 225 -3.20 -27.24 -2.42
C GLU A 225 -3.67 -28.64 -2.06
N LEU A 226 -3.10 -29.26 -1.03
CA LEU A 226 -3.52 -30.60 -0.61
C LEU A 226 -4.48 -30.58 0.57
N LEU A 227 -4.59 -29.45 1.28
CA LEU A 227 -5.46 -29.33 2.44
C LEU A 227 -6.85 -28.89 1.97
N VAL A 228 -7.51 -29.78 1.25
CA VAL A 228 -8.79 -29.50 0.61
C VAL A 228 -9.94 -29.65 1.61
N GLY A 229 -11.12 -29.19 1.21
CA GLY A 229 -12.32 -29.35 2.02
C GLY A 229 -13.58 -29.18 1.20
N CYS A 230 -14.52 -30.13 1.34
CA CYS A 230 -15.73 -30.11 0.55
C CYS A 230 -16.79 -29.21 1.19
N ILE A 231 -17.70 -28.71 0.36
CA ILE A 231 -18.77 -27.82 0.80
C ILE A 231 -20.10 -28.36 0.31
N ALA A 232 -21.06 -28.50 1.23
CA ALA A 232 -22.44 -28.82 0.90
C ALA A 232 -23.35 -27.90 1.68
N GLU A 233 -24.34 -27.32 0.99
CA GLU A 233 -25.24 -26.37 1.63
C GLU A 233 -26.18 -27.08 2.59
N LEU A 234 -26.77 -26.29 3.49
CA LEU A 234 -27.76 -26.78 4.44
C LEU A 234 -28.98 -25.89 4.41
N SER A 235 -30.14 -26.48 4.16
CA SER A 235 -31.39 -25.74 4.27
C SER A 235 -31.76 -25.58 5.75
N GLU A 236 -32.76 -24.72 6.00
CA GLU A 236 -33.21 -24.51 7.38
C GLU A 236 -33.77 -25.80 7.98
N ILE A 237 -34.59 -26.52 7.20
CA ILE A 237 -35.09 -27.82 7.65
C ILE A 237 -33.94 -28.81 7.77
N GLU A 238 -33.02 -28.79 6.81
CA GLU A 238 -31.89 -29.71 6.84
C GLU A 238 -30.97 -29.44 8.03
N GLU A 239 -30.70 -28.16 8.32
CA GLU A 239 -29.85 -27.85 9.46
C GLU A 239 -30.59 -28.02 10.79
N ASN A 240 -31.92 -28.01 10.77
CA ASN A 240 -32.67 -28.29 11.99
C ASN A 240 -32.70 -29.79 12.27
N MET A 241 -32.77 -30.62 11.22
CA MET A 241 -32.89 -32.07 11.39
C MET A 241 -31.53 -32.75 11.56
N LEU A 242 -30.64 -32.58 10.56
CA LEU A 242 -29.40 -33.35 10.53
C LEU A 242 -28.36 -32.85 11.52
N LEU A 243 -28.56 -31.68 12.13
CA LEU A 243 -27.57 -31.08 13.02
C LEU A 243 -28.15 -31.00 14.43
N ARG A 244 -27.36 -31.45 15.41
CA ARG A 244 -27.71 -31.36 16.82
C ARG A 244 -26.63 -30.58 17.54
N HIS A 245 -27.04 -29.62 18.37
CA HIS A 245 -26.09 -28.73 19.03
C HIS A 245 -25.25 -29.50 20.04
N GLY A 246 -23.93 -29.29 19.97
CA GLY A 246 -23.00 -29.90 20.89
C GLY A 246 -22.49 -31.26 20.47
N GLU A 247 -23.10 -31.89 19.47
CA GLU A 247 -22.73 -33.25 19.06
C GLU A 247 -21.95 -33.26 17.75
N ASN A 248 -22.53 -32.70 16.69
CA ASN A 248 -21.89 -32.73 15.37
C ASN A 248 -21.77 -31.35 14.74
N ASP A 249 -22.02 -30.28 15.49
CA ASP A 249 -21.86 -28.92 14.98
C ASP A 249 -20.45 -28.41 15.24
N PHE A 250 -19.45 -29.20 14.85
CA PHE A 250 -18.07 -28.83 15.05
C PHE A 250 -17.49 -28.04 13.88
N SER A 251 -17.93 -28.34 12.66
CA SER A 251 -17.41 -27.66 11.45
C SER A 251 -18.60 -27.28 10.58
N VAL A 252 -19.13 -26.07 10.80
CA VAL A 252 -20.21 -25.52 9.99
C VAL A 252 -19.82 -24.11 9.59
N MET A 253 -19.89 -23.82 8.29
CA MET A 253 -19.54 -22.52 7.76
C MET A 253 -20.79 -21.70 7.48
N TYR A 254 -20.64 -20.38 7.59
CA TYR A 254 -21.71 -19.43 7.32
C TYR A 254 -21.34 -18.60 6.11
N SER A 255 -22.21 -18.58 5.10
CA SER A 255 -21.98 -17.86 3.87
C SER A 255 -22.72 -16.53 3.93
N THR A 256 -21.95 -15.43 3.85
CA THR A 256 -22.54 -14.10 3.94
C THR A 256 -23.26 -13.74 2.64
N ARG A 257 -22.65 -14.04 1.49
CA ARG A 257 -23.30 -13.74 0.21
C ARG A 257 -24.54 -14.59 0.02
N LYS A 258 -24.46 -15.88 0.32
CA LYS A 258 -25.64 -16.74 0.30
C LYS A 258 -26.49 -16.57 1.55
N ASN A 259 -25.92 -15.99 2.61
CA ASN A 259 -26.60 -15.80 3.90
C ASN A 259 -27.18 -17.12 4.41
N CYS A 260 -26.36 -18.16 4.39
CA CYS A 260 -26.84 -19.51 4.63
C CYS A 260 -25.81 -20.27 5.45
N ALA A 261 -26.13 -21.52 5.78
CA ALA A 261 -25.23 -22.41 6.51
C ALA A 261 -24.86 -23.58 5.62
N GLN A 262 -23.61 -24.03 5.72
CA GLN A 262 -23.12 -25.11 4.88
C GLN A 262 -22.12 -25.95 5.65
N LEU A 263 -21.89 -27.16 5.15
CA LEU A 263 -21.00 -28.11 5.80
C LEU A 263 -19.59 -27.95 5.27
N TRP A 264 -18.62 -27.97 6.19
CA TRP A 264 -17.20 -27.84 5.86
C TRP A 264 -16.50 -29.10 6.37
N LEU A 265 -16.46 -30.13 5.54
CA LEU A 265 -15.93 -31.43 5.92
C LEU A 265 -14.77 -31.80 5.00
N GLY A 266 -13.80 -32.52 5.55
CA GLY A 266 -12.65 -32.96 4.80
C GLY A 266 -11.37 -32.88 5.62
N PRO A 267 -10.23 -32.94 4.94
CA PRO A 267 -8.95 -32.76 5.65
C PRO A 267 -8.81 -31.40 6.31
N ALA A 268 -9.49 -30.37 5.79
CA ALA A 268 -9.43 -29.04 6.38
C ALA A 268 -10.28 -28.90 7.63
N ALA A 269 -11.08 -29.91 7.97
CA ALA A 269 -11.92 -29.86 9.16
C ALA A 269 -11.14 -30.04 10.45
N PHE A 270 -9.83 -30.31 10.37
CA PHE A 270 -9.01 -30.55 11.55
C PHE A 270 -8.10 -29.36 11.87
N ILE A 271 -8.52 -28.15 11.53
CA ILE A 271 -7.75 -26.93 11.83
C ILE A 271 -8.34 -26.27 13.05
N ASN A 272 -7.50 -25.99 14.04
CA ASN A 272 -7.93 -25.40 15.30
C ASN A 272 -7.89 -23.88 15.24
N HIS A 273 -8.77 -23.25 16.01
CA HIS A 273 -8.87 -21.80 16.03
C HIS A 273 -7.75 -21.17 16.85
N ASP A 274 -7.25 -20.04 16.37
CA ASP A 274 -6.29 -19.24 17.10
C ASP A 274 -6.62 -17.77 16.90
N CYS A 275 -6.34 -16.97 17.94
CA CYS A 275 -6.53 -15.52 17.83
C CYS A 275 -5.40 -14.86 17.06
N ARG A 276 -4.29 -15.56 16.85
CA ARG A 276 -3.20 -15.11 15.97
C ARG A 276 -2.94 -16.25 14.99
N PRO A 277 -3.76 -16.35 13.94
CA PRO A 277 -3.64 -17.50 13.03
C PRO A 277 -2.46 -17.34 12.09
N ASN A 278 -2.18 -18.42 11.38
CA ASN A 278 -1.19 -18.43 10.32
C ASN A 278 -1.77 -18.71 8.95
N CYS A 279 -3.03 -19.13 8.87
CA CYS A 279 -3.71 -19.37 7.60
C CYS A 279 -5.14 -18.89 7.71
N LYS A 280 -5.75 -18.62 6.57
CA LYS A 280 -7.13 -18.15 6.52
C LYS A 280 -7.89 -18.88 5.41
N PHE A 281 -9.21 -18.93 5.57
CA PHE A 281 -10.09 -19.48 4.56
C PHE A 281 -10.48 -18.39 3.57
N VAL A 282 -10.45 -18.74 2.28
CA VAL A 282 -10.86 -17.85 1.21
C VAL A 282 -11.86 -18.58 0.34
N SER A 283 -12.71 -17.81 -0.34
CA SER A 283 -13.72 -18.36 -1.23
C SER A 283 -13.21 -18.31 -2.67
N THR A 284 -13.28 -19.45 -3.35
CA THR A 284 -12.79 -19.59 -4.71
C THR A 284 -13.88 -20.16 -5.62
N GLY A 285 -15.08 -19.59 -5.51
CA GLY A 285 -16.20 -20.02 -6.31
C GLY A 285 -17.49 -19.86 -5.55
N ARG A 286 -18.58 -20.36 -6.14
CA ARG A 286 -19.87 -20.32 -5.47
C ARG A 286 -19.91 -21.24 -4.26
N ASP A 287 -19.33 -22.44 -4.38
CA ASP A 287 -19.32 -23.42 -3.31
C ASP A 287 -17.95 -24.07 -3.20
N THR A 288 -16.89 -23.27 -3.31
CA THR A 288 -15.53 -23.76 -3.21
C THR A 288 -14.75 -22.85 -2.28
N ALA A 289 -13.91 -23.45 -1.43
CA ALA A 289 -13.10 -22.70 -0.50
C ALA A 289 -11.68 -23.27 -0.49
N CYS A 290 -10.75 -22.45 -0.04
CA CYS A 290 -9.34 -22.83 -0.01
C CYS A 290 -8.70 -22.22 1.24
N VAL A 291 -7.50 -22.69 1.55
CA VAL A 291 -6.75 -22.23 2.72
C VAL A 291 -5.47 -21.58 2.22
N LYS A 292 -5.24 -20.33 2.64
CA LYS A 292 -4.08 -19.56 2.20
C LYS A 292 -3.25 -19.16 3.42
N ALA A 293 -1.94 -19.30 3.29
CA ALA A 293 -1.03 -19.01 4.40
C ALA A 293 -0.88 -17.51 4.59
N LEU A 294 -1.04 -17.06 5.83
CA LEU A 294 -0.90 -15.63 6.13
C LEU A 294 0.57 -15.22 6.17
N ARG A 295 1.45 -16.09 6.63
CA ARG A 295 2.87 -15.77 6.78
C ARG A 295 3.69 -17.00 6.41
N ASP A 296 5.02 -16.85 6.47
CA ASP A 296 5.90 -17.97 6.22
C ASP A 296 5.79 -19.00 7.34
N ILE A 297 5.83 -20.27 6.98
CA ILE A 297 5.63 -21.38 7.90
C ILE A 297 6.86 -22.28 7.88
N GLU A 298 7.49 -22.45 9.03
CA GLU A 298 8.57 -23.39 9.24
C GLU A 298 8.01 -24.74 9.69
N PRO A 299 8.73 -25.83 9.45
CA PRO A 299 8.22 -27.15 9.85
C PRO A 299 8.09 -27.28 11.36
N GLY A 300 7.14 -28.11 11.78
CA GLY A 300 6.91 -28.34 13.19
C GLY A 300 5.95 -27.39 13.85
N GLU A 301 5.19 -26.62 13.08
CA GLU A 301 4.23 -25.68 13.63
C GLU A 301 2.81 -26.07 13.25
N GLU A 302 1.86 -25.72 14.11
CA GLU A 302 0.46 -26.06 13.89
C GLU A 302 -0.21 -25.02 13.00
N ILE A 303 -0.94 -25.50 12.00
CA ILE A 303 -1.73 -24.62 11.15
C ILE A 303 -3.01 -24.25 11.89
N SER A 304 -3.28 -22.95 11.99
CA SER A 304 -4.45 -22.47 12.71
C SER A 304 -5.12 -21.36 11.91
N CYS A 305 -6.43 -21.26 12.07
CA CYS A 305 -7.21 -20.24 11.39
C CYS A 305 -8.02 -19.42 12.39
N TYR A 306 -8.88 -18.53 11.88
CA TYR A 306 -9.72 -17.68 12.71
C TYR A 306 -11.18 -18.03 12.43
N TYR A 307 -11.86 -18.59 13.43
CA TYR A 307 -13.25 -19.00 13.24
C TYR A 307 -14.22 -17.82 13.27
N GLY A 308 -13.78 -16.66 13.75
CA GLY A 308 -14.65 -15.52 13.93
C GLY A 308 -14.65 -15.04 15.36
N ASP A 309 -15.48 -14.04 15.65
CA ASP A 309 -15.50 -13.46 17.02
C ASP A 309 -16.64 -14.07 17.84
N GLY A 310 -17.49 -14.92 17.25
CA GLY A 310 -18.61 -15.45 17.98
C GLY A 310 -18.66 -16.96 18.02
N PHE A 311 -17.57 -17.60 17.60
CA PHE A 311 -17.53 -19.06 17.61
C PHE A 311 -17.46 -19.60 19.04
N PHE A 312 -16.74 -18.91 19.91
CA PHE A 312 -16.49 -19.36 21.28
C PHE A 312 -16.93 -18.24 22.23
N GLY A 313 -18.21 -18.21 22.56
CA GLY A 313 -18.72 -17.17 23.44
C GLY A 313 -19.08 -15.90 22.68
N GLU A 314 -19.84 -15.01 23.32
CA GLU A 314 -20.31 -13.80 22.66
C GLU A 314 -19.16 -12.85 22.31
N ASN A 315 -18.24 -12.65 23.25
CA ASN A 315 -17.10 -11.77 23.07
C ASN A 315 -15.79 -12.51 23.33
N ASN A 316 -15.74 -13.77 22.90
CA ASN A 316 -14.63 -14.68 23.16
C ASN A 316 -14.34 -14.79 24.66
N GLU A 317 -15.40 -14.87 25.45
CA GLU A 317 -15.24 -15.01 26.90
C GLU A 317 -14.85 -16.44 27.27
N PHE A 318 -15.33 -17.43 26.51
CA PHE A 318 -15.06 -18.84 26.76
C PHE A 318 -14.34 -19.39 25.54
N CYS A 319 -13.02 -19.25 25.51
CA CYS A 319 -12.21 -19.66 24.38
C CYS A 319 -10.91 -20.23 24.90
N GLU A 320 -10.07 -20.73 23.99
CA GLU A 320 -8.80 -21.33 24.36
C GLU A 320 -7.84 -21.36 23.17
N CYS A 321 -6.71 -20.67 23.29
CA CYS A 321 -5.73 -20.58 22.21
C CYS A 321 -4.35 -20.53 22.83
N TYR A 322 -3.33 -20.75 21.99
CA TYR A 322 -1.95 -20.60 22.45
C TYR A 322 -1.64 -19.16 22.83
N THR A 323 -2.13 -18.20 22.03
CA THR A 323 -2.00 -16.80 22.41
C THR A 323 -2.89 -16.47 23.60
N CYS A 324 -4.08 -17.09 23.66
CA CYS A 324 -4.92 -16.95 24.83
C CYS A 324 -4.28 -17.59 26.06
N GLU A 325 -3.46 -18.62 25.86
CA GLU A 325 -2.68 -19.17 26.97
C GLU A 325 -1.62 -18.17 27.44
N ARG A 326 -0.99 -17.47 26.49
CA ARG A 326 0.06 -16.53 26.85
C ARG A 326 -0.52 -15.24 27.43
N ARG A 327 -1.36 -14.55 26.65
CA ARG A 327 -1.93 -13.28 27.09
C ARG A 327 -2.96 -13.43 28.20
N GLY A 328 -3.49 -14.63 28.41
CA GLY A 328 -4.50 -14.83 29.43
C GLY A 328 -5.84 -14.23 29.04
N THR A 329 -6.38 -14.66 27.90
CA THR A 329 -7.64 -14.15 27.39
C THR A 329 -8.60 -15.30 27.20
N GLY A 330 -9.89 -14.97 27.10
CA GLY A 330 -10.89 -16.01 26.99
C GLY A 330 -11.06 -16.78 28.29
N ALA A 331 -11.41 -18.06 28.17
CA ALA A 331 -11.54 -18.92 29.33
C ALA A 331 -10.20 -19.25 29.97
N PHE A 332 -9.08 -18.90 29.33
CA PHE A 332 -7.76 -19.05 29.90
C PHE A 332 -7.29 -17.83 30.67
N LYS A 333 -8.20 -16.89 30.95
CA LYS A 333 -7.85 -15.71 31.71
C LYS A 333 -7.54 -16.08 33.16
N SER A 334 -6.44 -15.52 33.67
CA SER A 334 -5.99 -15.83 35.02
C SER A 334 -6.85 -15.12 36.07
N ILE A 345 7.76 -8.11 27.75
CA ILE A 345 8.90 -7.80 26.89
C ILE A 345 9.78 -6.77 27.56
N ASN A 346 9.28 -5.54 27.66
CA ASN A 346 9.99 -4.43 28.28
C ASN A 346 9.18 -3.90 29.46
N SER A 347 9.89 -3.43 30.47
CA SER A 347 9.24 -2.96 31.70
C SER A 347 8.62 -1.58 31.55
N LYS A 348 8.97 -0.82 30.53
CA LYS A 348 8.47 0.54 30.36
C LYS A 348 7.58 0.70 29.14
N TYR A 349 8.00 0.21 27.98
CA TYR A 349 7.28 0.41 26.74
C TYR A 349 6.61 -0.89 26.31
N GLY A 350 5.36 -0.79 25.89
CA GLY A 350 4.63 -1.93 25.39
C GLY A 350 4.93 -2.20 23.92
N LEU A 351 6.09 -2.77 23.63
CA LEU A 351 6.47 -3.03 22.25
C LEU A 351 5.62 -4.15 21.66
N ARG A 352 5.65 -4.25 20.33
CA ARG A 352 4.82 -5.20 19.62
C ARG A 352 5.27 -6.64 19.90
N GLU A 353 4.34 -7.56 19.71
CA GLU A 353 4.60 -8.99 19.82
C GLU A 353 4.86 -9.58 18.44
N THR A 354 5.94 -9.11 17.80
CA THR A 354 6.29 -9.61 16.48
C THR A 354 6.86 -11.02 16.59
N ASP A 355 6.73 -11.77 15.49
CA ASP A 355 7.22 -13.14 15.47
C ASP A 355 8.73 -13.20 15.61
N LYS A 356 9.43 -12.21 15.04
CA LYS A 356 10.89 -12.15 15.18
C LYS A 356 11.28 -11.92 16.63
N ARG A 357 10.52 -11.08 17.35
CA ARG A 357 10.77 -10.88 18.77
C ARG A 357 10.55 -12.17 19.55
N LEU A 358 9.52 -12.93 19.18
CA LEU A 358 9.26 -14.21 19.83
C LEU A 358 10.40 -15.20 19.58
N ASN A 359 10.93 -15.22 18.36
CA ASN A 359 12.07 -16.11 18.07
C ASN A 359 13.33 -15.64 18.80
N ARG A 360 13.50 -14.32 18.97
CA ARG A 360 14.63 -13.81 19.73
C ARG A 360 14.53 -14.22 21.20
N LEU A 361 13.34 -14.17 21.78
CA LEU A 361 13.17 -14.60 23.15
C LEU A 361 13.06 -16.12 23.28
N LYS A 362 13.00 -16.84 22.17
CA LYS A 362 12.93 -18.31 22.20
C LYS A 362 14.34 -18.90 22.28
N LYS A 363 15.00 -18.61 23.41
CA LYS A 363 16.35 -19.10 23.72
C LYS A 363 17.35 -18.70 22.63
N LEU A 364 17.17 -17.51 22.07
CA LEU A 364 18.00 -16.97 20.99
C LEU A 364 18.07 -17.94 19.80
N GLY A 365 16.89 -18.39 19.37
CA GLY A 365 16.81 -19.32 18.27
C GLY A 365 16.64 -18.65 16.92
N ASP A 366 17.73 -18.52 16.18
CA ASP A 366 17.69 -17.91 14.85
C ASP A 366 18.91 -18.39 14.07
N SER A 367 18.67 -19.10 12.97
CA SER A 367 19.74 -19.62 12.14
C SER A 367 20.16 -18.55 11.12
N SER A 368 21.11 -18.90 10.26
CA SER A 368 21.63 -17.90 9.28
C SER A 368 22.14 -18.62 8.03
N LYS A 369 21.48 -18.40 6.89
CA LYS A 369 21.91 -19.04 5.61
C LYS A 369 23.41 -18.81 5.43
N ASN A 370 24.21 -19.87 5.55
CA ASN A 370 25.68 -19.76 5.40
C ASN A 370 26.02 -19.44 3.95
N SER A 371 27.28 -19.10 3.67
CA SER A 371 27.70 -18.75 2.28
C SER A 371 27.61 -19.99 1.38
N ASP A 372 27.33 -19.78 0.10
CA ASP A 372 27.26 -20.93 -0.87
C ASP A 372 28.61 -21.03 -1.59
N SER A 373 29.70 -20.62 -0.93
CA SER A 373 31.06 -20.66 -1.55
C SER A 373 31.16 -19.61 -2.65
N GLN A 374 30.24 -18.64 -2.66
CA GLN A 374 30.27 -17.55 -3.68
C GLN A 374 29.92 -16.23 -2.98
N SER A 375 29.89 -16.23 -1.64
CA SER A 375 29.58 -15.00 -0.86
C SER A 375 30.81 -14.10 -0.81
N LYS D 17 -23.01 -16.24 14.09
CA LYS D 17 -23.75 -16.55 15.31
C LYS D 17 -22.84 -17.25 16.32
N ARG D 18 -23.23 -18.47 16.70
CA ARG D 18 -22.48 -19.27 17.65
C ARG D 18 -22.07 -20.57 16.97
N HIS D 19 -20.78 -20.92 17.11
CA HIS D 19 -20.18 -22.11 16.48
C HIS D 19 -20.40 -22.10 14.97
N ARG D 20 -20.22 -20.94 14.37
CA ARG D 20 -20.33 -20.76 12.92
C ARG D 20 -19.04 -20.14 12.40
N MET D 21 -18.41 -20.80 11.44
CA MET D 21 -17.22 -20.26 10.80
C MET D 21 -17.65 -19.27 9.72
N VAL D 22 -17.28 -18.01 9.90
CA VAL D 22 -17.73 -16.95 8.99
C VAL D 22 -16.90 -16.99 7.73
N LEU D 23 -17.57 -17.09 6.58
CA LEU D 23 -16.92 -17.12 5.27
C LEU D 23 -17.33 -15.88 4.49
N ARG D 24 -16.35 -15.08 4.10
CA ARG D 24 -16.58 -13.86 3.33
C ARG D 24 -16.58 -14.22 1.86
N ASP D 25 -17.76 -14.34 1.26
CA ASP D 25 -17.88 -14.72 -0.14
C ASP D 25 -18.62 -13.70 -0.98
N ASN D 26 -18.76 -12.46 -0.52
CA ASN D 26 -19.33 -11.41 -1.34
C ASN D 26 -18.39 -10.95 -2.45
N ILE D 27 -17.12 -11.31 -2.38
CA ILE D 27 -16.18 -10.99 -3.45
C ILE D 27 -16.51 -11.75 -4.73
N GLN D 28 -17.27 -12.85 -4.63
CA GLN D 28 -17.71 -13.59 -5.80
C GLN D 28 -18.79 -12.86 -6.58
N GLY D 29 -19.35 -11.76 -6.04
CA GLY D 29 -20.27 -10.94 -6.79
C GLY D 29 -19.61 -10.16 -7.91
N ILE D 30 -18.30 -9.94 -7.82
CA ILE D 30 -17.55 -9.33 -8.91
C ILE D 30 -17.30 -10.41 -9.95
N THR D 31 -18.21 -10.52 -10.91
CA THR D 31 -18.28 -11.67 -11.78
C THR D 31 -17.17 -11.65 -12.82
N LYS D 32 -16.97 -12.80 -13.46
CA LYS D 32 -15.93 -12.94 -14.49
C LYS D 32 -16.15 -12.04 -15.71
N PRO D 33 -17.35 -11.91 -16.28
CA PRO D 33 -17.51 -10.94 -17.39
C PRO D 33 -17.18 -9.50 -17.00
N ALA D 34 -17.41 -9.09 -15.76
CA ALA D 34 -17.04 -7.74 -15.34
C ALA D 34 -15.53 -7.55 -15.39
N ILE D 35 -14.77 -8.55 -14.92
CA ILE D 35 -13.32 -8.48 -14.99
C ILE D 35 -12.86 -8.48 -16.44
N ARG D 36 -13.53 -9.25 -17.29
CA ARG D 36 -13.20 -9.25 -18.72
C ARG D 36 -13.44 -7.87 -19.34
N ARG D 37 -14.55 -7.21 -18.97
CA ARG D 37 -14.82 -5.88 -19.50
C ARG D 37 -13.79 -4.87 -19.02
N LEU D 38 -13.37 -4.97 -17.75
CA LEU D 38 -12.34 -4.08 -17.24
C LEU D 38 -11.02 -4.29 -17.98
N ALA D 39 -10.67 -5.54 -18.26
CA ALA D 39 -9.45 -5.83 -19.00
C ALA D 39 -9.54 -5.33 -20.44
N ARG D 40 -10.73 -5.46 -21.05
CA ARG D 40 -10.93 -4.97 -22.41
C ARG D 40 -10.78 -3.46 -22.48
N ARG D 41 -11.32 -2.74 -21.48
CA ARG D 41 -11.09 -1.30 -21.43
C ARG D 41 -9.62 -0.99 -21.18
N GLY D 42 -8.93 -1.87 -20.46
CA GLY D 42 -7.50 -1.69 -20.27
C GLY D 42 -6.65 -2.03 -21.49
N GLY D 43 -7.26 -2.58 -22.54
CA GLY D 43 -6.54 -2.89 -23.76
C GLY D 43 -6.00 -4.30 -23.85
N VAL D 44 -6.46 -5.21 -23.00
CA VAL D 44 -5.95 -6.58 -22.99
C VAL D 44 -6.68 -7.39 -24.07
N LYS D 45 -5.91 -8.15 -24.84
CA LYS D 45 -6.47 -8.94 -25.93
C LYS D 45 -6.81 -10.37 -25.51
N ARG D 46 -5.95 -11.00 -24.71
CA ARG D 46 -6.15 -12.39 -24.29
C ARG D 46 -5.93 -12.50 -22.79
N ILE D 47 -6.80 -13.26 -22.13
CA ILE D 47 -6.82 -13.36 -20.67
C ILE D 47 -6.68 -14.82 -20.28
N SER D 48 -5.84 -15.10 -19.29
CA SER D 48 -5.71 -16.45 -18.75
C SER D 48 -6.84 -16.73 -17.77
N GLY D 49 -7.06 -18.04 -17.53
CA GLY D 49 -8.14 -18.44 -16.65
C GLY D 49 -7.86 -18.19 -15.18
N LEU D 50 -6.59 -18.08 -14.80
CA LEU D 50 -6.21 -17.85 -13.42
C LEU D 50 -6.20 -16.38 -13.04
N ILE D 51 -6.50 -15.48 -13.99
CA ILE D 51 -6.46 -14.06 -13.72
C ILE D 51 -7.56 -13.66 -12.73
N TYR D 52 -8.79 -14.11 -12.99
CA TYR D 52 -9.97 -13.53 -12.37
C TYR D 52 -9.91 -13.59 -10.85
N GLU D 53 -9.68 -14.79 -10.30
CA GLU D 53 -9.58 -14.95 -8.86
C GLU D 53 -8.48 -14.06 -8.29
N GLU D 54 -7.30 -14.06 -8.94
CA GLU D 54 -6.21 -13.20 -8.53
C GLU D 54 -6.65 -11.75 -8.50
N THR D 55 -7.34 -11.32 -9.55
CA THR D 55 -7.80 -9.94 -9.64
C THR D 55 -8.70 -9.59 -8.46
N ARG D 56 -9.59 -10.53 -8.10
CA ARG D 56 -10.50 -10.29 -6.98
C ARG D 56 -9.72 -9.96 -5.72
N GLY D 57 -8.66 -10.73 -5.45
CA GLY D 57 -7.87 -10.49 -4.26
C GLY D 57 -7.32 -9.08 -4.24
N VAL D 58 -6.78 -8.63 -5.38
CA VAL D 58 -6.22 -7.29 -5.47
C VAL D 58 -7.29 -6.26 -5.14
N LEU D 59 -8.47 -6.43 -5.74
CA LEU D 59 -9.56 -5.48 -5.51
C LEU D 59 -9.90 -5.41 -4.04
N LYS D 60 -9.97 -6.57 -3.39
CA LYS D 60 -10.34 -6.61 -1.98
C LYS D 60 -9.36 -5.79 -1.16
N VAL D 61 -8.06 -5.97 -1.42
CA VAL D 61 -7.04 -5.25 -0.67
C VAL D 61 -7.24 -3.75 -0.84
N PHE D 62 -7.46 -3.33 -2.09
CA PHE D 62 -7.64 -1.91 -2.38
C PHE D 62 -8.78 -1.35 -1.55
N LEU D 63 -9.91 -2.06 -1.54
CA LEU D 63 -11.09 -1.55 -0.84
C LEU D 63 -10.80 -1.38 0.63
N GLU D 64 -10.08 -2.34 1.23
CA GLU D 64 -9.75 -2.24 2.64
C GLU D 64 -8.95 -0.96 2.90
N ASN D 65 -7.92 -0.74 2.08
CA ASN D 65 -7.03 0.40 2.29
C ASN D 65 -7.75 1.72 2.14
N VAL D 66 -8.92 1.73 1.51
CA VAL D 66 -9.72 2.94 1.48
C VAL D 66 -10.72 2.94 2.63
N ILE D 67 -11.47 1.84 2.77
CA ILE D 67 -12.70 1.85 3.56
C ILE D 67 -12.38 2.16 5.02
N ARG D 68 -11.36 1.49 5.56
CA ARG D 68 -10.92 1.73 6.92
C ARG D 68 -10.66 3.21 7.16
N ASP D 69 -9.90 3.84 6.26
CA ASP D 69 -9.61 5.26 6.42
C ASP D 69 -10.88 6.08 6.43
N ALA D 70 -11.81 5.77 5.51
CA ALA D 70 -13.08 6.48 5.47
C ALA D 70 -13.82 6.32 6.78
N VAL D 71 -13.85 5.09 7.31
CA VAL D 71 -14.55 4.83 8.57
C VAL D 71 -13.91 5.65 9.68
N THR D 72 -12.58 5.78 9.65
CA THR D 72 -11.89 6.57 10.66
C THR D 72 -12.39 7.99 10.66
N TYR D 73 -12.55 8.58 9.47
CA TYR D 73 -13.08 9.93 9.38
C TYR D 73 -14.48 10.01 9.96
N THR D 74 -15.31 9.01 9.66
CA THR D 74 -16.64 8.98 10.23
C THR D 74 -16.57 8.88 11.75
N GLU D 75 -15.64 8.06 12.26
CA GLU D 75 -15.49 7.92 13.70
C GLU D 75 -15.02 9.23 14.32
N HIS D 76 -14.33 10.07 13.56
CA HIS D 76 -13.94 11.36 14.12
C HIS D 76 -15.10 12.33 14.18
N ALA D 77 -16.08 12.17 13.29
CA ALA D 77 -17.17 13.13 13.20
C ALA D 77 -18.34 12.78 14.10
N LYS D 78 -18.24 11.71 14.90
CA LYS D 78 -19.31 11.22 15.76
C LYS D 78 -20.57 10.92 14.97
N ARG D 79 -20.39 10.43 13.74
CA ARG D 79 -21.49 10.09 12.85
C ARG D 79 -21.60 8.58 12.70
N LYS D 80 -22.75 8.14 12.21
CA LYS D 80 -23.00 6.75 11.90
C LYS D 80 -23.22 6.51 10.42
N THR D 81 -23.09 7.53 9.58
CA THR D 81 -23.28 7.42 8.14
C THR D 81 -22.00 7.84 7.43
N VAL D 82 -21.57 7.02 6.47
CA VAL D 82 -20.37 7.30 5.70
C VAL D 82 -20.76 8.17 4.51
N THR D 83 -20.15 9.35 4.41
CA THR D 83 -20.45 10.29 3.34
C THR D 83 -19.41 10.20 2.24
N ALA D 84 -19.71 10.87 1.11
CA ALA D 84 -18.79 10.87 -0.01
C ALA D 84 -17.52 11.66 0.30
N MET D 85 -17.62 12.66 1.18
CA MET D 85 -16.44 13.44 1.56
C MET D 85 -15.41 12.57 2.29
N ASP D 86 -15.88 11.61 3.10
CA ASP D 86 -14.96 10.70 3.76
C ASP D 86 -14.19 9.85 2.74
N VAL D 87 -14.89 9.38 1.70
CA VAL D 87 -14.25 8.60 0.65
C VAL D 87 -13.25 9.46 -0.11
N VAL D 88 -13.61 10.71 -0.40
CA VAL D 88 -12.71 11.62 -1.10
C VAL D 88 -11.45 11.88 -0.27
N TYR D 89 -11.62 12.12 1.03
CA TYR D 89 -10.47 12.34 1.91
C TYR D 89 -9.59 11.11 2.02
N ALA D 90 -10.20 9.92 2.09
CA ALA D 90 -9.41 8.69 2.15
C ALA D 90 -8.63 8.49 0.86
N LEU D 91 -9.25 8.76 -0.29
CA LEU D 91 -8.56 8.63 -1.57
C LEU D 91 -7.41 9.62 -1.67
N LYS D 92 -7.61 10.84 -1.16
CA LYS D 92 -6.52 11.82 -1.13
C LYS D 92 -5.40 11.35 -0.22
N ARG D 93 -5.75 10.70 0.89
CA ARG D 93 -4.74 10.12 1.78
C ARG D 93 -3.92 9.05 1.08
N GLN D 94 -4.59 8.20 0.28
CA GLN D 94 -3.87 7.16 -0.46
C GLN D 94 -3.11 7.70 -1.66
N GLY D 95 -3.13 9.00 -1.91
CA GLY D 95 -2.54 9.55 -3.12
C GLY D 95 -3.29 9.17 -4.37
N ARG D 96 -4.61 9.11 -4.31
CA ARG D 96 -5.46 8.68 -5.42
C ARG D 96 -6.64 9.62 -5.57
N THR D 97 -6.34 10.92 -5.67
CA THR D 97 -7.35 11.97 -5.65
C THR D 97 -8.40 11.77 -6.74
N LEU D 98 -9.65 12.09 -6.41
CA LEU D 98 -10.79 11.92 -7.29
C LEU D 98 -11.52 13.24 -7.46
N TYR D 99 -11.91 13.55 -8.69
CA TYR D 99 -12.66 14.75 -9.01
C TYR D 99 -14.09 14.40 -9.39
N GLY D 100 -15.04 15.21 -8.91
CA GLY D 100 -16.43 15.10 -9.30
C GLY D 100 -17.39 14.88 -8.16
N PHE D 101 -16.91 14.56 -6.96
CA PHE D 101 -17.76 14.28 -5.81
C PHE D 101 -17.56 15.30 -4.68
N GLY D 102 -17.20 16.53 -5.04
CA GLY D 102 -16.94 17.56 -4.05
C GLY D 102 -15.51 17.52 -3.55
N GLY D 103 -15.16 18.56 -2.80
CA GLY D 103 -13.82 18.68 -2.24
C GLY D 103 -12.83 19.29 -3.20
N ARG E 40 41.27 -18.54 -17.20
CA ARG E 40 40.46 -17.63 -16.41
C ARG E 40 39.39 -18.39 -15.61
N TYR E 41 38.68 -17.67 -14.75
CA TYR E 41 37.60 -18.27 -14.00
C TYR E 41 36.38 -18.48 -14.89
N ARG E 42 35.43 -19.26 -14.39
CA ARG E 42 34.14 -19.39 -15.05
C ARG E 42 33.39 -18.06 -14.98
N PRO E 43 32.89 -17.55 -16.10
CA PRO E 43 32.20 -16.25 -16.07
C PRO E 43 30.89 -16.30 -15.30
N GLY E 44 30.86 -15.63 -14.15
CA GLY E 44 29.70 -15.65 -13.29
C GLY E 44 30.06 -15.77 -11.82
N THR E 45 31.19 -16.42 -11.53
CA THR E 45 31.63 -16.55 -10.15
C THR E 45 32.11 -15.21 -9.60
N VAL E 46 32.94 -14.50 -10.37
CA VAL E 46 33.41 -13.18 -9.96
C VAL E 46 32.25 -12.20 -9.87
N ALA E 47 31.23 -12.37 -10.72
CA ALA E 47 30.04 -11.54 -10.63
C ALA E 47 29.33 -11.74 -9.30
N LEU E 48 29.18 -12.99 -8.86
CA LEU E 48 28.54 -13.26 -7.58
C LEU E 48 29.38 -12.75 -6.42
N ARG E 49 30.70 -12.87 -6.52
CA ARG E 49 31.57 -12.31 -5.49
C ARG E 49 31.43 -10.80 -5.39
N GLU E 50 31.36 -10.12 -6.54
CA GLU E 50 31.17 -8.68 -6.53
C GLU E 50 29.81 -8.29 -6.00
N ILE E 51 28.77 -9.08 -6.30
CA ILE E 51 27.44 -8.80 -5.76
C ILE E 51 27.46 -8.89 -4.25
N ARG E 52 28.08 -9.95 -3.71
CA ARG E 52 28.17 -10.08 -2.26
C ARG E 52 28.97 -8.94 -1.64
N ARG E 53 30.11 -8.59 -2.26
CA ARG E 53 30.97 -7.56 -1.68
C ARG E 53 30.30 -6.20 -1.69
N TYR E 54 29.61 -5.85 -2.76
CA TYR E 54 28.97 -4.55 -2.88
C TYR E 54 27.60 -4.49 -2.23
N GLN E 55 27.04 -5.64 -1.84
CA GLN E 55 25.84 -5.60 -1.01
C GLN E 55 26.16 -5.59 0.48
N LYS E 56 27.30 -6.15 0.89
CA LYS E 56 27.69 -6.05 2.28
C LYS E 56 28.26 -4.68 2.61
N SER E 57 28.85 -3.99 1.64
CA SER E 57 29.46 -2.70 1.88
C SER E 57 28.40 -1.61 1.98
N THR E 58 28.86 -0.40 2.34
CA THR E 58 27.94 0.72 2.51
C THR E 58 28.47 2.06 1.99
N GLU E 59 29.64 2.08 1.35
CA GLU E 59 30.22 3.35 0.93
C GLU E 59 29.67 3.77 -0.43
N LEU E 60 30.07 4.98 -0.85
CA LEU E 60 29.66 5.48 -2.16
C LEU E 60 30.47 4.80 -3.26
N LEU E 61 29.78 4.47 -4.35
CA LEU E 61 30.38 3.73 -5.46
C LEU E 61 30.74 4.60 -6.65
N ILE E 62 30.59 5.91 -6.54
CA ILE E 62 30.93 6.83 -7.63
C ILE E 62 32.01 7.78 -7.12
N ARG E 63 33.01 8.03 -7.98
CA ARG E 63 34.07 8.96 -7.64
C ARG E 63 33.50 10.35 -7.40
N LYS E 64 33.98 11.02 -6.35
CA LYS E 64 33.35 12.24 -5.88
C LYS E 64 33.64 13.44 -6.78
N LEU E 65 34.87 13.55 -7.28
CA LEU E 65 35.22 14.69 -8.13
C LEU E 65 34.47 14.72 -9.46
N PRO E 66 34.37 13.63 -10.24
CA PRO E 66 33.53 13.71 -11.45
C PRO E 66 32.07 14.01 -11.17
N PHE E 67 31.52 13.47 -10.09
CA PHE E 67 30.14 13.77 -9.73
C PHE E 67 29.97 15.24 -9.39
N GLN E 68 30.94 15.81 -8.67
CA GLN E 68 30.88 17.23 -8.34
C GLN E 68 30.96 18.09 -9.59
N ARG E 69 31.82 17.72 -10.54
CA ARG E 69 31.91 18.48 -11.79
C ARG E 69 30.62 18.38 -12.58
N LEU E 70 30.00 17.20 -12.60
CA LEU E 70 28.71 17.04 -13.28
C LEU E 70 27.64 17.91 -12.63
N VAL E 71 27.65 17.97 -11.29
CA VAL E 71 26.68 18.81 -10.58
C VAL E 71 26.88 20.28 -10.93
N ARG E 72 28.13 20.73 -10.97
CA ARG E 72 28.40 22.12 -11.35
C ARG E 72 27.93 22.40 -12.77
N GLU E 73 28.20 21.48 -13.69
CA GLU E 73 27.81 21.68 -15.08
C GLU E 73 26.31 21.74 -15.25
N ILE E 74 25.58 20.87 -14.55
CA ILE E 74 24.12 20.90 -14.64
C ILE E 74 23.57 22.16 -13.99
N ALA E 75 24.12 22.57 -12.86
CA ALA E 75 23.60 23.73 -12.14
C ALA E 75 23.90 25.04 -12.85
N GLN E 76 24.95 25.11 -13.67
CA GLN E 76 25.25 26.36 -14.35
C GLN E 76 24.24 26.68 -15.46
N ASP E 77 23.40 25.72 -15.86
CA ASP E 77 22.39 26.00 -16.88
C ASP E 77 21.27 26.87 -16.34
N PHE E 78 20.91 26.72 -15.06
CA PHE E 78 19.82 27.49 -14.48
C PHE E 78 20.29 28.89 -14.07
N LYS E 79 21.23 28.97 -13.13
CA LYS E 79 21.76 30.24 -12.67
C LYS E 79 23.29 30.18 -12.67
N THR E 80 23.91 31.19 -13.26
CA THR E 80 25.37 31.24 -13.32
C THR E 80 25.94 31.75 -12.00
N ASP E 81 27.22 31.41 -11.77
CA ASP E 81 27.98 31.83 -10.59
C ASP E 81 27.31 31.36 -9.30
N LEU E 82 27.20 30.05 -9.17
CA LEU E 82 26.64 29.42 -7.99
C LEU E 82 27.73 28.73 -7.18
N ARG E 83 27.53 28.69 -5.87
CA ARG E 83 28.44 28.02 -4.96
C ARG E 83 27.68 26.90 -4.24
N PHE E 84 28.41 25.87 -3.85
CA PHE E 84 27.82 24.70 -3.21
C PHE E 84 28.54 24.41 -1.91
N GLN E 85 27.76 24.16 -0.85
CA GLN E 85 28.31 23.51 0.33
C GLN E 85 28.66 22.07 -0.01
N SER E 86 29.66 21.52 0.68
CA SER E 86 30.04 20.14 0.44
C SER E 86 28.93 19.18 0.86
N SER E 87 28.16 19.53 1.90
CA SER E 87 27.07 18.68 2.35
C SER E 87 25.99 18.56 1.30
N ALA E 88 25.76 19.62 0.52
CA ALA E 88 24.78 19.56 -0.57
C ALA E 88 25.19 18.56 -1.63
N VAL E 89 26.48 18.56 -2.00
CA VAL E 89 26.97 17.62 -3.01
C VAL E 89 26.91 16.20 -2.48
N MET E 90 27.25 16.00 -1.20
CA MET E 90 27.16 14.67 -0.61
C MET E 90 25.72 14.17 -0.57
N ALA E 91 24.77 15.05 -0.23
CA ALA E 91 23.36 14.66 -0.24
C ALA E 91 22.88 14.30 -1.63
N LEU E 92 23.30 15.09 -2.63
CA LEU E 92 22.96 14.78 -4.02
C LEU E 92 23.50 13.42 -4.44
N GLN E 93 24.75 13.12 -4.06
CA GLN E 93 25.34 11.84 -4.44
C GLN E 93 24.64 10.67 -3.76
N GLU E 94 24.30 10.84 -2.47
CA GLU E 94 23.57 9.79 -1.76
C GLU E 94 22.21 9.51 -2.41
N ALA E 95 21.47 10.58 -2.71
CA ALA E 95 20.15 10.41 -3.32
C ALA E 95 20.25 9.78 -4.70
N SER E 96 21.21 10.23 -5.52
CA SER E 96 21.34 9.69 -6.86
C SER E 96 21.74 8.22 -6.84
N GLU E 97 22.66 7.84 -5.95
CA GLU E 97 23.07 6.44 -5.87
C GLU E 97 21.94 5.56 -5.37
N ALA E 98 21.16 6.03 -4.39
CA ALA E 98 20.02 5.24 -3.94
C ALA E 98 18.99 5.06 -5.04
N TYR E 99 18.72 6.13 -5.80
CA TYR E 99 17.79 6.04 -6.92
C TYR E 99 18.27 5.05 -7.97
N LEU E 100 19.56 5.09 -8.31
CA LEU E 100 20.08 4.19 -9.33
C LEU E 100 20.06 2.74 -8.86
N VAL E 101 20.35 2.50 -7.58
CA VAL E 101 20.31 1.14 -7.07
C VAL E 101 18.89 0.58 -7.11
N ALA E 102 17.90 1.39 -6.71
CA ALA E 102 16.51 0.94 -6.79
C ALA E 102 16.08 0.68 -8.23
N LEU E 103 16.48 1.55 -9.15
CA LEU E 103 16.16 1.36 -10.56
C LEU E 103 16.80 0.08 -11.10
N PHE E 104 18.03 -0.21 -10.68
CA PHE E 104 18.67 -1.44 -11.14
C PHE E 104 18.01 -2.68 -10.56
N GLU E 105 17.49 -2.61 -9.32
CA GLU E 105 16.71 -3.73 -8.78
C GLU E 105 15.46 -3.98 -9.61
N ASP E 106 14.74 -2.91 -9.95
CA ASP E 106 13.53 -3.07 -10.79
C ASP E 106 13.88 -3.60 -12.18
N THR E 107 14.99 -3.12 -12.75
CA THR E 107 15.45 -3.59 -14.05
C THR E 107 15.79 -5.07 -14.02
N ASN E 108 16.45 -5.52 -12.95
CA ASN E 108 16.77 -6.94 -12.81
C ASN E 108 15.50 -7.77 -12.68
N LEU E 109 14.50 -7.25 -11.96
CA LEU E 109 13.22 -7.95 -11.87
C LEU E 109 12.57 -8.11 -13.24
N CYS E 110 12.59 -7.04 -14.04
CA CYS E 110 12.02 -7.11 -15.39
C CYS E 110 12.77 -8.11 -16.26
N ALA E 111 14.10 -8.10 -16.18
CA ALA E 111 14.91 -9.01 -17.00
C ALA E 111 14.66 -10.46 -16.60
N ILE E 112 14.53 -10.74 -15.31
CA ILE E 112 14.20 -12.09 -14.85
C ILE E 112 12.81 -12.49 -15.33
N HIS E 113 11.86 -11.56 -15.27
CA HIS E 113 10.51 -11.85 -15.76
C HIS E 113 10.49 -12.15 -17.25
N ALA E 114 11.42 -11.57 -18.00
CA ALA E 114 11.53 -11.86 -19.43
C ALA E 114 12.33 -13.12 -19.74
N LYS E 115 12.53 -14.00 -18.74
CA LYS E 115 13.29 -15.25 -18.89
C LYS E 115 14.70 -14.99 -19.41
N ARG E 116 15.34 -13.97 -18.84
CA ARG E 116 16.64 -13.52 -19.31
C ARG E 116 17.53 -13.19 -18.12
N VAL E 117 18.84 -13.25 -18.34
CA VAL E 117 19.83 -12.92 -17.32
C VAL E 117 20.43 -11.55 -17.54
N THR E 118 20.84 -11.27 -18.78
CA THR E 118 21.39 -9.95 -19.12
C THR E 118 20.28 -8.91 -19.11
N ILE E 119 20.57 -7.76 -18.50
CA ILE E 119 19.63 -6.64 -18.54
C ILE E 119 19.84 -5.85 -19.82
N MET E 120 18.75 -5.33 -20.35
CA MET E 120 18.71 -4.57 -21.60
C MET E 120 18.11 -3.21 -21.32
N PRO E 121 18.36 -2.21 -22.17
CA PRO E 121 17.74 -0.89 -21.95
C PRO E 121 16.22 -0.92 -22.00
N LYS E 122 15.62 -1.89 -22.69
CA LYS E 122 14.18 -2.02 -22.69
C LYS E 122 13.65 -2.36 -21.31
N ASP E 123 14.44 -3.07 -20.50
CA ASP E 123 14.03 -3.34 -19.12
C ASP E 123 14.01 -2.06 -18.29
N ILE E 124 15.00 -1.18 -18.49
CA ILE E 124 14.99 0.10 -17.80
C ILE E 124 13.80 0.94 -18.23
N GLN E 125 13.49 0.92 -19.53
CA GLN E 125 12.33 1.65 -20.02
C GLN E 125 11.03 1.12 -19.44
N LEU E 126 10.88 -0.21 -19.36
CA LEU E 126 9.68 -0.80 -18.78
C LEU E 126 9.57 -0.47 -17.29
N ALA E 127 10.69 -0.52 -16.57
CA ALA E 127 10.66 -0.20 -15.14
C ALA E 127 10.29 1.26 -14.91
N ARG E 128 10.82 2.17 -15.73
CA ARG E 128 10.52 3.58 -15.57
C ARG E 128 9.10 3.93 -16.00
N ARG E 129 8.54 3.19 -16.96
CA ARG E 129 7.18 3.47 -17.41
C ARG E 129 6.15 2.98 -16.39
N ILE E 130 6.37 1.80 -15.81
CA ILE E 130 5.41 1.26 -14.85
C ILE E 130 5.39 2.10 -13.58
N ARG E 131 6.55 2.52 -13.08
CA ARG E 131 6.61 3.34 -11.89
C ARG E 131 6.21 4.79 -12.15
N GLY E 132 5.87 5.14 -13.39
CA GLY E 132 5.27 6.42 -13.70
C GLY E 132 6.23 7.59 -13.69
N GLU E 133 7.26 7.54 -14.51
CA GLU E 133 8.18 8.66 -14.68
C GLU E 133 8.05 9.30 -16.05
N ARG E 134 8.25 8.52 -17.12
CA ARG E 134 8.03 8.94 -18.50
C ARG E 134 8.80 10.23 -18.83
N ALA E 135 10.04 10.29 -18.35
CA ALA E 135 10.86 11.47 -18.56
C ALA E 135 11.97 11.17 -19.57
N ARG F 24 33.71 20.93 -20.49
CA ARG F 24 32.37 20.49 -20.17
C ARG F 24 32.19 19.00 -20.49
N ASP F 25 30.93 18.58 -20.62
CA ASP F 25 30.56 17.20 -20.92
C ASP F 25 31.13 16.24 -19.88
N ASN F 26 30.72 16.46 -18.63
CA ASN F 26 31.20 15.68 -17.51
C ASN F 26 30.34 14.45 -17.22
N ILE F 27 29.32 14.20 -18.04
CA ILE F 27 28.51 12.99 -17.87
C ILE F 27 29.34 11.75 -18.19
N GLN F 28 30.38 11.90 -19.01
CA GLN F 28 31.32 10.81 -19.26
C GLN F 28 32.20 10.51 -18.06
N GLY F 29 32.23 11.39 -17.06
CA GLY F 29 32.95 11.11 -15.83
C GLY F 29 32.32 10.02 -15.00
N ILE F 30 31.04 9.74 -15.21
CA ILE F 30 30.39 8.58 -14.60
C ILE F 30 30.77 7.37 -15.44
N THR F 31 31.86 6.71 -15.06
CA THR F 31 32.49 5.72 -15.92
C THR F 31 31.72 4.40 -15.90
N LYS F 32 32.11 3.52 -16.83
CA LYS F 32 31.55 2.18 -16.88
C LYS F 32 31.76 1.37 -15.59
N PRO F 33 32.95 1.36 -14.96
CA PRO F 33 33.07 0.62 -13.68
C PRO F 33 32.14 1.10 -12.59
N ALA F 34 31.86 2.41 -12.50
CA ALA F 34 30.93 2.91 -11.48
C ALA F 34 29.52 2.39 -11.71
N ILE F 35 29.08 2.38 -12.97
CA ILE F 35 27.77 1.84 -13.30
C ILE F 35 27.70 0.35 -13.01
N ARG F 36 28.78 -0.37 -13.31
CA ARG F 36 28.83 -1.80 -13.00
C ARG F 36 28.76 -2.04 -11.50
N ARG F 37 29.45 -1.22 -10.71
CA ARG F 37 29.39 -1.36 -9.25
C ARG F 37 27.98 -1.08 -8.72
N LEU F 38 27.32 -0.06 -9.27
CA LEU F 38 25.95 0.22 -8.86
C LEU F 38 25.01 -0.93 -9.21
N ALA F 39 25.20 -1.53 -10.39
CA ALA F 39 24.38 -2.67 -10.79
C ALA F 39 24.66 -3.88 -9.91
N ARG F 40 25.92 -4.09 -9.53
CA ARG F 40 26.26 -5.20 -8.64
C ARG F 40 25.65 -5.01 -7.26
N ARG F 41 25.64 -3.78 -6.76
CA ARG F 41 24.92 -3.52 -5.51
C ARG F 41 23.43 -3.76 -5.68
N GLY F 42 22.89 -3.43 -6.87
CA GLY F 42 21.52 -3.77 -7.17
C GLY F 42 21.26 -5.26 -7.34
N GLY F 43 22.32 -6.03 -7.60
CA GLY F 43 22.19 -7.47 -7.71
C GLY F 43 21.99 -7.97 -9.12
N VAL F 44 22.82 -7.51 -10.05
CA VAL F 44 22.70 -7.85 -11.46
C VAL F 44 23.92 -8.67 -11.86
N LYS F 45 23.66 -9.82 -12.49
CA LYS F 45 24.77 -10.70 -12.90
C LYS F 45 25.40 -10.22 -14.20
N ARG F 46 24.62 -10.12 -15.27
CA ARG F 46 25.12 -9.83 -16.60
C ARG F 46 24.56 -8.49 -17.07
N ILE F 47 25.41 -7.71 -17.75
CA ILE F 47 25.10 -6.35 -18.15
C ILE F 47 25.36 -6.20 -19.64
N SER F 48 24.38 -5.67 -20.37
CA SER F 48 24.58 -5.39 -21.78
C SER F 48 25.42 -4.13 -21.97
N GLY F 49 26.01 -4.01 -23.15
CA GLY F 49 26.88 -2.88 -23.43
C GLY F 49 26.15 -1.57 -23.66
N LEU F 50 24.84 -1.63 -23.88
CA LEU F 50 24.05 -0.43 -24.13
C LEU F 50 23.41 0.13 -22.87
N ILE F 51 23.70 -0.45 -21.70
CA ILE F 51 23.09 0.02 -20.46
C ILE F 51 23.68 1.34 -20.01
N TYR F 52 24.91 1.66 -20.42
CA TYR F 52 25.63 2.79 -19.81
C TYR F 52 25.08 4.12 -20.30
N GLU F 53 24.75 4.24 -21.58
CA GLU F 53 24.17 5.47 -22.09
C GLU F 53 22.78 5.71 -21.49
N GLU F 54 21.98 4.66 -21.37
CA GLU F 54 20.67 4.80 -20.73
C GLU F 54 20.80 5.22 -19.27
N THR F 55 21.77 4.64 -18.56
CA THR F 55 21.99 5.00 -17.16
C THR F 55 22.42 6.46 -17.04
N ARG F 56 23.30 6.91 -17.95
CA ARG F 56 23.72 8.31 -17.94
C ARG F 56 22.55 9.25 -18.21
N GLY F 57 21.69 8.88 -19.16
CA GLY F 57 20.52 9.71 -19.43
C GLY F 57 19.56 9.79 -18.25
N VAL F 58 19.31 8.66 -17.61
CA VAL F 58 18.41 8.65 -16.45
C VAL F 58 18.99 9.47 -15.31
N LEU F 59 20.29 9.31 -15.06
CA LEU F 59 20.95 10.10 -14.01
C LEU F 59 20.90 11.59 -14.32
N LYS F 60 21.10 11.96 -15.59
CA LYS F 60 21.05 13.36 -15.96
C LYS F 60 19.65 13.94 -15.74
N VAL F 61 18.61 13.19 -16.10
CA VAL F 61 17.24 13.66 -15.91
C VAL F 61 16.93 13.84 -14.43
N PHE F 62 17.31 12.85 -13.61
CA PHE F 62 17.08 12.94 -12.18
C PHE F 62 17.80 14.13 -11.55
N LEU F 63 19.06 14.32 -11.93
CA LEU F 63 19.84 15.43 -11.39
C LEU F 63 19.26 16.78 -11.81
N GLU F 64 18.81 16.90 -13.06
CA GLU F 64 18.18 18.14 -13.50
C GLU F 64 16.92 18.44 -12.69
N ASN F 65 16.09 17.41 -12.48
CA ASN F 65 14.86 17.60 -11.73
C ASN F 65 15.12 18.05 -10.30
N VAL F 66 16.11 17.45 -9.63
CA VAL F 66 16.41 17.84 -8.26
C VAL F 66 17.05 19.22 -8.20
N ILE F 67 18.02 19.48 -9.08
CA ILE F 67 18.80 20.71 -9.02
C ILE F 67 17.96 21.92 -9.37
N ARG F 68 16.97 21.76 -10.26
CA ARG F 68 16.09 22.89 -10.57
C ARG F 68 15.36 23.38 -9.31
N ASP F 69 14.80 22.46 -8.53
CA ASP F 69 14.11 22.84 -7.31
C ASP F 69 15.08 23.38 -6.25
N ALA F 70 16.27 22.79 -6.15
CA ALA F 70 17.25 23.29 -5.18
C ALA F 70 17.66 24.72 -5.50
N VAL F 71 17.90 25.02 -6.78
CA VAL F 71 18.24 26.38 -7.19
C VAL F 71 17.05 27.31 -7.01
N THR F 72 15.83 26.83 -7.19
CA THR F 72 14.64 27.65 -6.92
C THR F 72 14.58 28.07 -5.46
N TYR F 73 14.81 27.12 -4.54
CA TYR F 73 14.85 27.45 -3.12
C TYR F 73 15.96 28.42 -2.80
N THR F 74 17.14 28.21 -3.39
CA THR F 74 18.29 29.09 -3.14
C THR F 74 18.00 30.51 -3.63
N GLU F 75 17.40 30.65 -4.81
CA GLU F 75 17.07 31.96 -5.34
C GLU F 75 16.01 32.65 -4.50
N HIS F 76 15.02 31.88 -4.02
CA HIS F 76 14.00 32.47 -3.16
C HIS F 76 14.61 32.98 -1.85
N ALA F 77 15.59 32.25 -1.31
CA ALA F 77 16.25 32.71 -0.09
C ALA F 77 17.22 33.86 -0.33
N LYS F 78 17.41 34.29 -1.58
CA LYS F 78 18.33 35.38 -1.95
C LYS F 78 19.77 35.07 -1.53
N ARG F 79 20.17 33.82 -1.69
CA ARG F 79 21.52 33.37 -1.39
C ARG F 79 22.23 32.97 -2.67
N LYS F 80 23.55 33.10 -2.67
CA LYS F 80 24.38 32.67 -3.79
C LYS F 80 24.93 31.26 -3.59
N THR F 81 24.65 30.63 -2.46
CA THR F 81 25.21 29.32 -2.12
C THR F 81 24.08 28.31 -1.95
N VAL F 82 24.21 27.16 -2.61
CA VAL F 82 23.23 26.09 -2.50
C VAL F 82 23.58 25.27 -1.26
N THR F 83 22.73 25.36 -0.25
CA THR F 83 22.96 24.65 1.01
C THR F 83 22.35 23.26 0.95
N ALA F 84 22.66 22.46 1.98
CA ALA F 84 22.16 21.09 2.04
C ALA F 84 20.65 21.05 2.31
N MET F 85 20.13 22.03 3.05
CA MET F 85 18.70 22.07 3.32
C MET F 85 17.89 22.28 2.06
N ASP F 86 18.44 23.02 1.09
CA ASP F 86 17.77 23.16 -0.20
C ASP F 86 17.63 21.83 -0.90
N VAL F 87 18.69 21.02 -0.87
CA VAL F 87 18.64 19.68 -1.47
C VAL F 87 17.64 18.80 -0.73
N VAL F 88 17.62 18.89 0.60
CA VAL F 88 16.68 18.08 1.39
C VAL F 88 15.24 18.47 1.07
N TYR F 89 14.96 19.77 0.98
CA TYR F 89 13.61 20.22 0.66
C TYR F 89 13.21 19.81 -0.75
N ALA F 90 14.15 19.90 -1.71
CA ALA F 90 13.86 19.48 -3.08
C ALA F 90 13.54 17.99 -3.14
N LEU F 91 14.33 17.17 -2.44
CA LEU F 91 14.09 15.73 -2.43
C LEU F 91 12.77 15.40 -1.76
N LYS F 92 12.41 16.12 -0.70
CA LYS F 92 11.13 15.90 -0.05
C LYS F 92 9.98 16.31 -0.98
N ARG F 93 10.18 17.35 -1.79
CA ARG F 93 9.19 17.71 -2.79
C ARG F 93 9.03 16.62 -3.84
N GLN F 94 10.15 16.02 -4.27
CA GLN F 94 10.08 14.95 -5.26
C GLN F 94 9.48 13.66 -4.72
N GLY F 95 9.25 13.56 -3.41
CA GLY F 95 8.81 12.31 -2.82
C GLY F 95 9.93 11.35 -2.52
N ARG F 96 11.13 11.86 -2.32
CA ARG F 96 12.35 11.07 -2.15
C ARG F 96 13.12 11.54 -0.92
N THR F 97 12.42 11.58 0.21
CA THR F 97 12.95 12.12 1.46
C THR F 97 14.24 11.41 1.86
N LEU F 98 15.19 12.19 2.37
CA LEU F 98 16.51 11.70 2.75
C LEU F 98 16.76 12.04 4.22
N TYR F 99 17.23 11.06 4.98
CA TYR F 99 17.55 11.25 6.38
C TYR F 99 19.05 11.42 6.57
N GLY F 100 19.42 12.15 7.62
CA GLY F 100 20.81 12.26 8.03
C GLY F 100 21.54 13.51 7.59
N PHE F 101 20.84 14.51 7.06
CA PHE F 101 21.47 15.76 6.64
C PHE F 101 20.80 16.97 7.28
N GLY F 102 20.28 16.81 8.49
CA GLY F 102 19.65 17.90 9.21
C GLY F 102 18.21 18.18 8.84
N GLY F 103 17.58 17.33 8.05
CA GLY F 103 16.21 17.55 7.62
C GLY F 103 15.17 17.26 8.68
N ALA G 17 -17.44 52.76 -5.51
CA ALA G 17 -16.47 51.74 -5.16
C ALA G 17 -16.36 50.70 -6.26
N VAL G 18 -15.12 50.32 -6.59
CA VAL G 18 -14.84 49.34 -7.63
C VAL G 18 -14.13 48.15 -6.99
N SER G 19 -14.62 46.96 -7.28
CA SER G 19 -14.00 45.74 -6.75
C SER G 19 -12.58 45.61 -7.26
N ARG G 20 -11.66 45.20 -6.38
CA ARG G 20 -10.26 45.10 -6.77
C ARG G 20 -9.98 43.96 -7.72
N SER G 21 -10.91 43.01 -7.87
CA SER G 21 -10.82 42.05 -8.96
C SER G 21 -10.90 42.74 -10.30
N GLN G 22 -11.77 43.75 -10.41
CA GLN G 22 -11.81 44.57 -11.61
C GLN G 22 -10.58 45.46 -11.75
N ARG G 23 -10.04 45.92 -10.62
CA ARG G 23 -8.81 46.72 -10.65
C ARG G 23 -7.64 45.92 -11.20
N ALA G 24 -7.57 44.63 -10.86
CA ALA G 24 -6.54 43.75 -11.39
C ALA G 24 -6.86 43.26 -12.80
N GLY G 25 -8.05 43.55 -13.32
CA GLY G 25 -8.42 43.09 -14.65
C GLY G 25 -8.58 41.60 -14.78
N LEU G 26 -9.24 40.96 -13.81
CA LEU G 26 -9.48 39.52 -13.86
C LEU G 26 -10.85 39.22 -13.28
N GLN G 27 -11.32 37.99 -13.54
CA GLN G 27 -12.67 37.59 -13.17
C GLN G 27 -12.75 36.98 -11.77
N PHE G 28 -11.70 36.28 -11.33
CA PHE G 28 -11.74 35.61 -10.05
C PHE G 28 -11.74 36.62 -8.90
N PRO G 29 -12.40 36.30 -7.78
CA PRO G 29 -12.55 37.29 -6.70
C PRO G 29 -11.29 37.39 -5.85
N VAL G 30 -10.74 38.60 -5.75
CA VAL G 30 -9.56 38.81 -4.93
C VAL G 30 -9.91 38.70 -3.44
N GLY G 31 -11.09 39.19 -3.05
CA GLY G 31 -11.45 39.19 -1.63
C GLY G 31 -11.63 37.80 -1.07
N ARG G 32 -12.33 36.92 -1.80
CA ARG G 32 -12.54 35.57 -1.32
C ARG G 32 -11.24 34.79 -1.27
N ILE G 33 -10.38 34.96 -2.27
CA ILE G 33 -9.07 34.31 -2.27
C ILE G 33 -8.23 34.79 -1.10
N HIS G 34 -8.28 36.10 -0.82
CA HIS G 34 -7.56 36.65 0.33
C HIS G 34 -8.07 36.07 1.64
N ARG G 35 -9.39 35.94 1.77
CA ARG G 35 -9.97 35.34 2.97
C ARG G 35 -9.54 33.88 3.13
N HIS G 36 -9.54 33.12 2.04
CA HIS G 36 -9.11 31.73 2.10
C HIS G 36 -7.63 31.62 2.47
N LEU G 37 -6.79 32.48 1.90
CA LEU G 37 -5.37 32.49 2.25
C LEU G 37 -5.16 32.84 3.71
N LYS G 38 -5.92 33.81 4.22
CA LYS G 38 -5.83 34.16 5.63
C LYS G 38 -6.29 33.02 6.52
N SER G 39 -7.29 32.27 6.07
CA SER G 39 -7.80 31.15 6.86
C SER G 39 -6.91 29.91 6.77
N ARG G 40 -6.05 29.83 5.75
CA ARG G 40 -5.17 28.66 5.59
C ARG G 40 -3.71 28.97 5.88
N THR G 41 -3.42 30.06 6.58
CA THR G 41 -2.05 30.38 6.94
C THR G 41 -1.63 29.61 8.19
N THR G 42 -0.44 29.88 8.69
CA THR G 42 0.13 29.16 9.83
C THR G 42 0.48 30.13 10.94
N SER G 43 -0.09 29.91 12.12
CA SER G 43 0.26 30.58 13.37
C SER G 43 0.14 32.10 13.26
N HIS G 44 -1.11 32.53 13.08
CA HIS G 44 -1.51 33.93 12.89
C HIS G 44 -0.59 34.67 11.91
N GLY G 45 -0.41 34.06 10.74
CA GLY G 45 0.37 34.70 9.70
C GLY G 45 -0.41 35.83 9.03
N ARG G 46 0.32 36.60 8.23
CA ARG G 46 -0.24 37.73 7.51
C ARG G 46 -0.17 37.46 6.01
N VAL G 47 -1.15 38.00 5.28
CA VAL G 47 -1.23 37.82 3.84
C VAL G 47 -1.35 39.20 3.20
N GLY G 48 -0.51 39.47 2.21
CA GLY G 48 -0.62 40.68 1.45
C GLY G 48 -1.71 40.61 0.38
N ALA G 49 -2.14 41.79 -0.08
CA ALA G 49 -3.17 41.84 -1.11
C ALA G 49 -2.62 41.37 -2.45
N THR G 50 -1.36 41.68 -2.73
CA THR G 50 -0.74 41.27 -3.98
C THR G 50 -0.62 39.75 -4.08
N ALA G 51 -0.50 39.07 -2.94
CA ALA G 51 -0.52 37.61 -2.95
C ALA G 51 -1.87 37.08 -3.42
N ALA G 52 -2.96 37.69 -2.94
CA ALA G 52 -4.29 37.31 -3.39
C ALA G 52 -4.48 37.59 -4.88
N VAL G 53 -3.99 38.73 -5.34
CA VAL G 53 -4.08 39.07 -6.76
C VAL G 53 -3.30 38.07 -7.61
N TYR G 54 -2.09 37.73 -7.18
CA TYR G 54 -1.25 36.80 -7.93
C TYR G 54 -1.90 35.42 -8.00
N SER G 55 -2.41 34.93 -6.87
CA SER G 55 -3.04 33.61 -6.85
C SER G 55 -4.32 33.59 -7.68
N ALA G 56 -5.10 34.68 -7.65
CA ALA G 56 -6.29 34.76 -8.48
C ALA G 56 -5.93 34.73 -9.95
N ALA G 57 -4.86 35.43 -10.33
CA ALA G 57 -4.40 35.39 -11.72
C ALA G 57 -3.96 33.98 -12.13
N ILE G 58 -3.25 33.28 -11.23
CA ILE G 58 -2.81 31.92 -11.53
C ILE G 58 -4.01 31.00 -11.75
N LEU G 59 -4.99 31.08 -10.85
CA LEU G 59 -6.18 30.24 -10.97
C LEU G 59 -6.95 30.54 -12.24
N GLU G 60 -7.10 31.82 -12.58
CA GLU G 60 -7.81 32.19 -13.79
C GLU G 60 -7.08 31.70 -15.03
N TYR G 61 -5.75 31.80 -15.06
CA TYR G 61 -4.99 31.33 -16.21
C TYR G 61 -5.13 29.83 -16.39
N LEU G 62 -5.01 29.07 -15.31
CA LEU G 62 -5.12 27.60 -15.42
C LEU G 62 -6.51 27.19 -15.85
N THR G 63 -7.54 27.83 -15.29
CA THR G 63 -8.91 27.54 -15.70
C THR G 63 -9.12 27.85 -17.18
N ALA G 64 -8.59 28.99 -17.64
CA ALA G 64 -8.73 29.35 -19.04
C ALA G 64 -8.04 28.34 -19.96
N GLU G 65 -6.85 27.88 -19.58
CA GLU G 65 -6.13 26.91 -20.39
C GLU G 65 -6.91 25.59 -20.51
N VAL G 66 -7.37 25.07 -19.37
CA VAL G 66 -8.12 23.81 -19.37
C VAL G 66 -9.42 23.96 -20.16
N LEU G 67 -10.13 25.07 -19.97
CA LEU G 67 -11.39 25.27 -20.67
C LEU G 67 -11.18 25.43 -22.17
N GLU G 68 -10.11 26.09 -22.58
CA GLU G 68 -9.83 26.23 -24.01
C GLU G 68 -9.55 24.90 -24.66
N LEU G 69 -8.73 24.06 -24.01
CA LEU G 69 -8.47 22.74 -24.57
C LEU G 69 -9.73 21.88 -24.61
N ALA G 70 -10.53 21.94 -23.55
CA ALA G 70 -11.77 21.16 -23.52
C ALA G 70 -12.76 21.64 -24.57
N GLY G 71 -12.83 22.94 -24.81
CA GLY G 71 -13.70 23.46 -25.84
C GLY G 71 -13.26 23.05 -27.23
N ASN G 72 -11.94 23.02 -27.47
CA ASN G 72 -11.44 22.51 -28.75
C ASN G 72 -11.81 21.05 -28.94
N ALA G 73 -11.65 20.24 -27.88
CA ALA G 73 -12.01 18.83 -27.97
C ALA G 73 -13.51 18.66 -28.22
N SER G 74 -14.33 19.49 -27.58
CA SER G 74 -15.78 19.41 -27.79
C SER G 74 -16.17 19.82 -29.21
N LYS G 75 -15.55 20.87 -29.74
CA LYS G 75 -15.84 21.29 -31.10
C LYS G 75 -15.34 20.29 -32.14
N ASP G 76 -14.33 19.49 -31.80
CA ASP G 76 -13.91 18.42 -32.69
C ASP G 76 -15.00 17.36 -32.85
N LEU G 77 -15.84 17.19 -31.84
CA LEU G 77 -16.93 16.23 -31.88
C LEU G 77 -18.27 16.85 -32.26
N LYS G 78 -18.29 18.14 -32.60
CA LYS G 78 -19.48 18.86 -33.04
C LYS G 78 -20.60 18.81 -32.00
N VAL G 79 -20.29 19.24 -30.78
CA VAL G 79 -21.27 19.38 -29.71
C VAL G 79 -21.06 20.72 -29.04
N LYS G 80 -22.16 21.36 -28.63
CA LYS G 80 -22.14 22.68 -28.03
C LYS G 80 -22.14 22.65 -26.50
N ARG G 81 -21.57 21.60 -25.90
CA ARG G 81 -21.56 21.49 -24.45
C ARG G 81 -20.35 20.66 -24.04
N ILE G 82 -19.75 21.02 -22.91
CA ILE G 82 -18.55 20.35 -22.42
C ILE G 82 -18.98 19.32 -21.37
N THR G 83 -18.57 18.08 -21.60
CA THR G 83 -18.83 16.94 -20.72
C THR G 83 -17.54 16.52 -20.03
N PRO G 84 -17.64 15.67 -19.00
CA PRO G 84 -16.40 15.13 -18.39
C PRO G 84 -15.51 14.37 -19.37
N ARG G 85 -16.08 13.76 -20.41
CA ARG G 85 -15.26 13.10 -21.41
C ARG G 85 -14.37 14.09 -22.13
N HIS G 86 -14.88 15.27 -22.45
CA HIS G 86 -14.08 16.30 -23.11
C HIS G 86 -12.96 16.79 -22.21
N LEU G 87 -13.24 16.96 -20.91
CA LEU G 87 -12.20 17.36 -19.97
C LEU G 87 -11.13 16.29 -19.86
N GLN G 88 -11.52 15.02 -19.81
CA GLN G 88 -10.54 13.94 -19.76
C GLN G 88 -9.68 13.91 -21.01
N LEU G 89 -10.32 14.05 -22.18
CA LEU G 89 -9.57 14.04 -23.45
C LEU G 89 -8.59 15.20 -23.52
N ALA G 90 -9.03 16.39 -23.11
CA ALA G 90 -8.16 17.57 -23.16
C ALA G 90 -7.00 17.45 -22.18
N ILE G 91 -7.27 16.98 -20.95
CA ILE G 91 -6.22 16.89 -19.95
C ILE G 91 -5.21 15.83 -20.32
N ARG G 92 -5.68 14.66 -20.74
CA ARG G 92 -4.78 13.58 -21.09
C ARG G 92 -4.09 13.79 -22.43
N GLY G 93 -4.62 14.66 -23.29
CA GLY G 93 -3.96 14.94 -24.56
C GLY G 93 -2.77 15.87 -24.45
N ASP G 94 -2.69 16.65 -23.38
CA ASP G 94 -1.59 17.59 -23.16
C ASP G 94 -0.68 17.03 -22.07
N GLU G 95 0.63 16.98 -22.34
CA GLU G 95 1.55 16.33 -21.43
C GLU G 95 1.77 17.14 -20.17
N GLU G 96 1.81 18.46 -20.28
CA GLU G 96 2.04 19.30 -19.10
C GLU G 96 0.86 19.26 -18.15
N LEU G 97 -0.36 19.34 -18.68
CA LEU G 97 -1.55 19.21 -17.85
C LEU G 97 -1.68 17.79 -17.30
N ASP G 98 -1.25 16.79 -18.07
CA ASP G 98 -1.26 15.42 -17.57
C ASP G 98 -0.32 15.27 -16.38
N SER G 99 0.85 15.89 -16.45
CA SER G 99 1.77 15.84 -15.31
C SER G 99 1.23 16.65 -14.13
N LEU G 100 0.56 17.77 -14.40
CA LEU G 100 0.03 18.60 -13.34
C LEU G 100 -1.16 17.93 -12.65
N ILE G 101 -2.09 17.39 -13.43
CA ILE G 101 -3.33 16.83 -12.90
C ILE G 101 -3.18 15.32 -12.90
N LYS G 102 -2.93 14.75 -11.72
CA LYS G 102 -2.82 13.31 -11.55
C LYS G 102 -4.09 12.68 -11.01
N ALA G 103 -5.14 13.47 -10.78
CA ALA G 103 -6.37 12.93 -10.21
C ALA G 103 -7.14 12.14 -11.26
N THR G 104 -8.05 11.30 -10.78
CA THR G 104 -8.90 10.50 -11.64
C THR G 104 -10.23 11.23 -11.85
N ILE G 105 -10.64 11.34 -13.10
CA ILE G 105 -11.84 12.10 -13.47
C ILE G 105 -13.01 11.15 -13.55
N ALA G 106 -14.08 11.44 -12.80
CA ALA G 106 -15.25 10.59 -12.80
C ALA G 106 -16.00 10.73 -14.12
N GLY G 107 -16.29 9.59 -14.74
CA GLY G 107 -16.97 9.61 -16.02
C GLY G 107 -16.12 10.07 -17.18
N GLY G 108 -14.81 9.95 -17.08
CA GLY G 108 -13.93 10.40 -18.15
C GLY G 108 -13.49 9.30 -19.09
N GLY G 109 -13.54 8.05 -18.64
CA GLY G 109 -13.08 6.97 -19.49
C GLY G 109 -11.57 6.98 -19.64
N VAL G 110 -11.11 6.39 -20.76
CA VAL G 110 -9.70 6.28 -21.07
C VAL G 110 -9.46 6.78 -22.49
N ILE G 111 -8.20 7.05 -22.79
CA ILE G 111 -7.79 7.44 -24.14
C ILE G 111 -7.68 6.18 -24.99
N PRO G 112 -8.39 6.10 -26.12
CA PRO G 112 -8.34 4.89 -26.95
C PRO G 112 -6.97 4.68 -27.57
N HIS G 113 -6.39 3.51 -27.29
CA HIS G 113 -5.07 3.17 -27.81
C HIS G 113 -4.90 1.66 -27.80
N ILE G 114 -4.54 1.09 -28.95
CA ILE G 114 -4.28 -0.34 -29.08
C ILE G 114 -2.84 -0.50 -29.55
N HIS G 115 -2.09 -1.37 -28.87
CA HIS G 115 -0.69 -1.57 -29.20
C HIS G 115 -0.55 -2.29 -30.53
N LYS G 116 0.61 -2.09 -31.17
CA LYS G 116 0.85 -2.68 -32.49
C LYS G 116 0.99 -4.20 -32.39
N SER G 117 1.51 -4.71 -31.28
CA SER G 117 1.71 -6.14 -31.13
C SER G 117 0.39 -6.90 -31.07
N LEU G 118 -0.66 -6.27 -30.55
CA LEU G 118 -1.96 -6.93 -30.45
C LEU G 118 -2.75 -6.91 -31.74
N ILE G 119 -2.35 -6.10 -32.72
CA ILE G 119 -3.07 -6.00 -33.97
C ILE G 119 -2.47 -6.94 -35.02
N LYS H 29 -29.49 24.78 2.82
CA LYS H 29 -29.71 25.96 3.65
C LYS H 29 -28.44 26.80 3.76
N THR H 30 -27.32 26.13 4.03
CA THR H 30 -26.04 26.83 4.17
C THR H 30 -25.56 27.37 2.82
N ARG H 31 -24.93 28.53 2.87
CA ARG H 31 -24.43 29.20 1.66
C ARG H 31 -23.03 28.67 1.36
N LYS H 32 -22.99 27.56 0.64
CA LYS H 32 -21.74 26.92 0.25
C LYS H 32 -21.15 27.69 -0.94
N GLU H 33 -20.05 28.40 -0.70
CA GLU H 33 -19.40 29.15 -1.76
C GLU H 33 -18.78 28.21 -2.78
N SER H 34 -18.84 28.61 -4.05
CA SER H 34 -18.29 27.80 -5.13
C SER H 34 -17.70 28.75 -6.18
N TYR H 35 -16.96 28.16 -7.12
CA TYR H 35 -16.33 28.90 -8.21
C TYR H 35 -17.08 28.78 -9.52
N ALA H 36 -18.35 28.38 -9.49
CA ALA H 36 -19.09 28.11 -10.71
C ALA H 36 -19.30 29.37 -11.54
N ILE H 37 -19.56 30.50 -10.87
CA ILE H 37 -19.80 31.76 -11.58
C ILE H 37 -18.56 32.20 -12.32
N TYR H 38 -17.40 32.14 -11.67
CA TYR H 38 -16.17 32.61 -12.29
C TYR H 38 -15.70 31.67 -13.39
N VAL H 39 -15.88 30.36 -13.19
CA VAL H 39 -15.57 29.40 -14.25
C VAL H 39 -16.46 29.64 -15.46
N TYR H 40 -17.74 29.93 -15.23
CA TYR H 40 -18.64 30.23 -16.32
C TYR H 40 -18.25 31.51 -17.04
N LYS H 41 -17.81 32.53 -16.29
CA LYS H 41 -17.34 33.76 -16.92
C LYS H 41 -16.11 33.51 -17.78
N VAL H 42 -15.17 32.71 -17.29
CA VAL H 42 -13.97 32.40 -18.07
C VAL H 42 -14.35 31.63 -19.33
N LEU H 43 -15.26 30.66 -19.22
CA LEU H 43 -15.70 29.89 -20.38
C LEU H 43 -16.37 30.78 -21.41
N LYS H 44 -17.23 31.70 -20.96
CA LYS H 44 -17.83 32.67 -21.87
C LYS H 44 -16.77 33.56 -22.50
N GLN H 45 -15.67 33.80 -21.80
CA GLN H 45 -14.59 34.61 -22.35
C GLN H 45 -13.85 33.88 -23.47
N VAL H 46 -13.53 32.60 -23.27
CA VAL H 46 -12.71 31.88 -24.24
C VAL H 46 -13.54 31.26 -25.35
N HIS H 47 -14.63 30.56 -25.00
CA HIS H 47 -15.52 29.96 -25.99
C HIS H 47 -16.91 30.57 -25.82
N PRO H 48 -17.25 31.59 -26.61
CA PRO H 48 -18.49 32.34 -26.33
C PRO H 48 -19.78 31.57 -26.57
N ASP H 49 -19.74 30.47 -27.34
CA ASP H 49 -20.96 29.81 -27.78
C ASP H 49 -21.18 28.43 -27.17
N THR H 50 -20.21 27.90 -26.43
CA THR H 50 -20.31 26.55 -25.89
C THR H 50 -20.73 26.60 -24.43
N GLY H 51 -21.55 25.62 -24.03
CA GLY H 51 -21.98 25.47 -22.65
C GLY H 51 -21.16 24.44 -21.90
N ILE H 52 -21.62 24.15 -20.68
CA ILE H 52 -20.94 23.19 -19.82
C ILE H 52 -22.00 22.52 -18.94
N SER H 53 -21.84 21.22 -18.71
CA SER H 53 -22.77 20.46 -17.90
C SER H 53 -22.46 20.64 -16.41
N SER H 54 -23.31 20.05 -15.57
CA SER H 54 -23.15 20.21 -14.13
C SER H 54 -22.00 19.36 -13.60
N LYS H 55 -21.84 18.14 -14.13
CA LYS H 55 -20.74 17.28 -13.68
C LYS H 55 -19.39 17.86 -14.06
N ALA H 56 -19.28 18.41 -15.26
CA ALA H 56 -18.04 19.07 -15.67
C ALA H 56 -17.76 20.28 -14.81
N MET H 57 -18.80 21.02 -14.42
CA MET H 57 -18.62 22.16 -13.52
C MET H 57 -18.12 21.70 -12.14
N SER H 58 -18.64 20.57 -11.65
CA SER H 58 -18.16 20.02 -10.39
C SER H 58 -16.69 19.61 -10.50
N ILE H 59 -16.31 19.01 -11.63
CA ILE H 59 -14.91 18.64 -11.84
C ILE H 59 -14.02 19.87 -11.87
N MET H 60 -14.49 20.95 -12.52
CA MET H 60 -13.72 22.19 -12.55
C MET H 60 -13.57 22.80 -11.16
N ASN H 61 -14.64 22.73 -10.35
CA ASN H 61 -14.55 23.23 -8.98
C ASN H 61 -13.53 22.43 -8.16
N SER H 62 -13.54 21.10 -8.32
CA SER H 62 -12.58 20.27 -7.61
C SER H 62 -11.16 20.58 -8.06
N PHE H 63 -10.96 20.80 -9.35
CA PHE H 63 -9.63 21.14 -9.88
C PHE H 63 -9.14 22.47 -9.32
N VAL H 64 -10.00 23.48 -9.29
CA VAL H 64 -9.61 24.78 -8.77
C VAL H 64 -9.26 24.69 -7.29
N ASN H 65 -10.08 23.98 -6.51
CA ASN H 65 -9.81 23.83 -5.08
C ASN H 65 -8.51 23.07 -4.84
N ASP H 66 -8.25 22.03 -5.61
CA ASP H 66 -7.02 21.26 -5.45
C ASP H 66 -5.79 22.11 -5.74
N VAL H 67 -5.82 22.87 -6.84
CA VAL H 67 -4.68 23.71 -7.20
C VAL H 67 -4.47 24.80 -6.15
N PHE H 68 -5.56 25.40 -5.66
CA PHE H 68 -5.44 26.42 -4.63
C PHE H 68 -4.85 25.86 -3.34
N GLU H 69 -5.27 24.65 -2.96
CA GLU H 69 -4.71 24.04 -1.76
C GLU H 69 -3.23 23.75 -1.91
N ARG H 70 -2.81 23.28 -3.09
CA ARG H 70 -1.38 23.06 -3.33
C ARG H 70 -0.59 24.35 -3.22
N ILE H 71 -1.11 25.42 -3.84
CA ILE H 71 -0.42 26.71 -3.81
C ILE H 71 -0.30 27.23 -2.39
N ALA H 72 -1.39 27.15 -1.62
CA ALA H 72 -1.38 27.64 -0.25
C ALA H 72 -0.41 26.85 0.62
N GLY H 73 -0.40 25.52 0.48
CA GLY H 73 0.51 24.71 1.26
C GLY H 73 1.97 24.99 0.94
N GLU H 74 2.29 25.12 -0.35
CA GLU H 74 3.67 25.39 -0.73
C GLU H 74 4.11 26.78 -0.27
N ALA H 75 3.23 27.78 -0.37
CA ALA H 75 3.57 29.11 0.11
C ALA H 75 3.77 29.13 1.61
N SER H 76 2.95 28.39 2.36
CA SER H 76 3.12 28.31 3.80
C SER H 76 4.44 27.66 4.17
N ARG H 77 4.81 26.58 3.46
CA ARG H 77 6.10 25.95 3.71
C ARG H 77 7.26 26.89 3.39
N LEU H 78 7.15 27.64 2.30
CA LEU H 78 8.20 28.60 1.94
C LEU H 78 8.34 29.68 3.00
N ALA H 79 7.21 30.19 3.51
CA ALA H 79 7.27 31.21 4.55
C ALA H 79 7.88 30.64 5.83
N HIS H 80 7.58 29.39 6.16
CA HIS H 80 8.12 28.78 7.37
C HIS H 80 9.61 28.52 7.25
N TYR H 81 10.08 28.15 6.06
CA TYR H 81 11.50 27.83 5.87
C TYR H 81 12.38 29.04 6.10
N ASN H 82 11.96 30.21 5.63
CA ASN H 82 12.78 31.41 5.67
C ASN H 82 12.51 32.28 6.90
N LYS H 83 11.85 31.72 7.91
CA LYS H 83 11.54 32.41 9.17
C LYS H 83 10.76 33.71 8.92
N ARG H 84 9.74 33.62 8.08
CA ARG H 84 8.88 34.75 7.77
C ARG H 84 7.46 34.46 8.26
N SER H 85 6.76 35.52 8.65
CA SER H 85 5.36 35.42 9.06
C SER H 85 4.38 35.88 8.00
N THR H 86 4.79 36.76 7.10
CA THR H 86 3.92 37.31 6.08
C THR H 86 4.10 36.53 4.78
N ILE H 87 2.97 36.20 4.15
CA ILE H 87 2.96 35.59 2.82
C ILE H 87 2.77 36.70 1.80
N THR H 88 3.72 36.85 0.90
CA THR H 88 3.70 37.92 -0.10
C THR H 88 3.61 37.30 -1.49
N SER H 89 3.72 38.15 -2.52
CA SER H 89 3.62 37.67 -3.89
C SER H 89 4.87 36.90 -4.30
N ARG H 90 6.01 37.15 -3.64
CA ARG H 90 7.22 36.39 -3.94
C ARG H 90 7.05 34.93 -3.57
N GLU H 91 6.43 34.64 -2.43
CA GLU H 91 6.18 33.26 -2.04
C GLU H 91 5.22 32.58 -3.02
N ILE H 92 4.20 33.29 -3.47
CA ILE H 92 3.27 32.73 -4.45
C ILE H 92 3.98 32.43 -5.76
N GLN H 93 4.85 33.36 -6.20
CA GLN H 93 5.59 33.14 -7.43
C GLN H 93 6.53 31.95 -7.32
N THR H 94 7.22 31.82 -6.18
CA THR H 94 8.11 30.67 -5.99
C THR H 94 7.33 29.37 -5.92
N ALA H 95 6.17 29.37 -5.29
CA ALA H 95 5.33 28.17 -5.25
C ALA H 95 4.85 27.79 -6.65
N VAL H 96 4.49 28.79 -7.46
CA VAL H 96 4.10 28.53 -8.84
C VAL H 96 5.25 27.93 -9.63
N ARG H 97 6.46 28.46 -9.43
CA ARG H 97 7.63 27.90 -10.11
C ARG H 97 7.92 26.48 -9.65
N LEU H 98 7.66 26.17 -8.37
CA LEU H 98 7.92 24.83 -7.86
C LEU H 98 6.88 23.83 -8.38
N LEU H 99 5.61 24.23 -8.43
CA LEU H 99 4.53 23.29 -8.72
C LEU H 99 4.32 23.09 -10.22
N LEU H 100 4.11 24.18 -10.95
CA LEU H 100 3.75 24.07 -12.36
C LEU H 100 4.95 23.66 -13.20
N PRO H 101 4.80 22.70 -14.10
CA PRO H 101 5.94 22.28 -14.94
C PRO H 101 5.98 22.99 -16.29
N GLY H 102 7.20 23.12 -16.80
CA GLY H 102 7.39 23.49 -18.19
C GLY H 102 6.98 24.92 -18.49
N GLU H 103 6.37 25.12 -19.65
CA GLU H 103 5.95 26.44 -20.09
C GLU H 103 4.76 26.97 -19.29
N LEU H 104 4.03 26.09 -18.62
CA LEU H 104 2.92 26.53 -17.76
C LEU H 104 3.42 27.47 -16.67
N ALA H 105 4.56 27.16 -16.07
CA ALA H 105 5.12 28.01 -15.03
C ALA H 105 5.49 29.39 -15.57
N LYS H 106 6.10 29.44 -16.75
CA LYS H 106 6.51 30.71 -17.33
C LYS H 106 5.30 31.57 -17.68
N HIS H 107 4.30 30.98 -18.33
CA HIS H 107 3.11 31.73 -18.70
C HIS H 107 2.33 32.19 -17.48
N ALA H 108 2.25 31.34 -16.44
CA ALA H 108 1.58 31.71 -15.21
C ALA H 108 2.30 32.85 -14.51
N VAL H 109 3.63 32.81 -14.49
CA VAL H 109 4.41 33.88 -13.88
C VAL H 109 4.18 35.19 -14.63
N SER H 110 4.16 35.14 -15.96
CA SER H 110 3.90 36.34 -16.74
C SER H 110 2.51 36.90 -16.46
N GLU H 111 1.50 36.03 -16.39
CA GLU H 111 0.13 36.48 -16.14
C GLU H 111 0.01 37.10 -14.75
N GLY H 112 0.61 36.46 -13.74
CA GLY H 112 0.54 37.00 -12.39
C GLY H 112 1.26 38.33 -12.25
N THR H 113 2.44 38.44 -12.88
CA THR H 113 3.18 39.70 -12.84
C THR H 113 2.39 40.82 -13.54
N LYS H 114 1.77 40.50 -14.67
CA LYS H 114 0.95 41.50 -15.36
C LYS H 114 -0.23 41.94 -14.51
N ALA H 115 -0.89 40.98 -13.83
CA ALA H 115 -2.02 41.32 -12.97
C ALA H 115 -1.60 42.20 -11.81
N VAL H 116 -0.47 41.88 -11.17
CA VAL H 116 0.00 42.69 -10.05
C VAL H 116 0.38 44.09 -10.51
N THR H 117 1.04 44.18 -11.66
CA THR H 117 1.43 45.49 -12.20
C THR H 117 0.21 46.33 -12.53
N LYS H 118 -0.83 45.72 -13.11
CA LYS H 118 -2.05 46.47 -13.39
C LYS H 118 -2.78 46.85 -12.13
N TYR H 119 -2.73 46.01 -11.09
CA TYR H 119 -3.44 46.31 -9.84
C TYR H 119 -2.79 47.47 -9.11
N THR H 120 -1.46 47.46 -9.00
CA THR H 120 -0.78 48.44 -8.16
C THR H 120 -0.65 49.79 -8.86
N SER H 121 0.02 49.81 -10.02
CA SER H 121 0.36 51.08 -10.66
C SER H 121 -0.87 51.77 -11.25
N ALA H 122 -1.69 51.02 -11.99
CA ALA H 122 -2.77 51.64 -12.75
C ALA H 122 -3.94 52.08 -11.88
N LYS H 123 -4.25 51.33 -10.82
CA LYS H 123 -5.39 51.66 -9.99
C LYS H 123 -4.99 52.12 -8.60
N GLY I 33 -19.18 -29.88 -44.19
CA GLY I 33 -19.56 -31.19 -43.70
C GLY I 33 -20.86 -31.18 -42.91
N GLY I 34 -21.05 -32.22 -42.10
CA GLY I 34 -22.22 -32.35 -41.26
C GLY I 34 -22.16 -31.61 -39.95
N VAL I 35 -21.08 -30.89 -39.67
CA VAL I 35 -20.97 -30.13 -38.44
C VAL I 35 -21.95 -28.95 -38.46
N LYS I 36 -22.17 -28.35 -39.63
CA LYS I 36 -23.04 -27.19 -39.82
C LYS I 36 -22.61 -26.02 -38.93
N LYS I 37 -21.35 -25.65 -39.06
CA LYS I 37 -20.81 -24.56 -38.26
C LYS I 37 -21.29 -23.23 -38.84
N PRO I 38 -21.87 -22.35 -38.01
CA PRO I 38 -22.25 -21.01 -38.49
C PRO I 38 -21.03 -20.13 -38.75
N HIS I 39 -21.27 -18.87 -39.12
CA HIS I 39 -20.18 -17.95 -39.36
C HIS I 39 -19.50 -17.55 -38.05
N ARG I 40 -18.44 -18.26 -37.68
CA ARG I 40 -17.73 -18.03 -36.45
C ARG I 40 -16.52 -17.14 -36.71
N TYR I 41 -16.39 -16.07 -35.93
CA TYR I 41 -15.27 -15.15 -36.10
C TYR I 41 -13.97 -15.77 -35.59
N ARG I 42 -12.87 -15.27 -36.13
CA ARG I 42 -11.55 -15.70 -35.69
C ARG I 42 -11.33 -15.25 -34.25
N PRO I 43 -10.70 -16.09 -33.40
CA PRO I 43 -10.38 -15.65 -32.04
C PRO I 43 -9.45 -14.44 -32.02
N GLY I 44 -9.96 -13.32 -31.53
CA GLY I 44 -9.20 -12.09 -31.51
C GLY I 44 -9.92 -10.91 -32.16
N THR I 45 -10.71 -11.18 -33.20
CA THR I 45 -11.46 -10.12 -33.86
C THR I 45 -12.55 -9.56 -32.95
N VAL I 46 -13.31 -10.45 -32.31
CA VAL I 46 -14.31 -10.02 -31.35
C VAL I 46 -13.65 -9.35 -30.15
N ALA I 47 -12.46 -9.82 -29.77
CA ALA I 47 -11.71 -9.18 -28.70
C ALA I 47 -11.33 -7.74 -29.05
N LEU I 48 -10.85 -7.52 -30.28
CA LEU I 48 -10.52 -6.16 -30.69
C LEU I 48 -11.75 -5.28 -30.78
N ARG I 49 -12.87 -5.84 -31.26
CA ARG I 49 -14.11 -5.10 -31.30
C ARG I 49 -14.56 -4.69 -29.90
N GLU I 50 -14.44 -5.61 -28.93
CA GLU I 50 -14.80 -5.29 -27.55
C GLU I 50 -13.85 -4.26 -26.96
N ILE I 51 -12.56 -4.32 -27.31
CA ILE I 51 -11.61 -3.32 -26.84
C ILE I 51 -12.01 -1.93 -27.32
N ARG I 52 -12.33 -1.81 -28.61
CA ARG I 52 -12.75 -0.53 -29.16
C ARG I 52 -14.04 -0.05 -28.53
N ARG I 53 -15.01 -0.96 -28.34
CA ARG I 53 -16.29 -0.60 -27.76
C ARG I 53 -16.15 -0.10 -26.33
N TYR I 54 -15.35 -0.79 -25.52
CA TYR I 54 -15.21 -0.40 -24.12
C TYR I 54 -14.22 0.73 -23.90
N GLN I 55 -13.39 1.04 -24.90
CA GLN I 55 -12.56 2.24 -24.79
C GLN I 55 -13.27 3.49 -25.33
N LYS I 56 -14.26 3.32 -26.21
CA LYS I 56 -15.06 4.47 -26.61
C LYS I 56 -16.06 4.86 -25.54
N SER I 57 -16.55 3.90 -24.76
CA SER I 57 -17.58 4.17 -23.77
C SER I 57 -16.96 4.72 -22.48
N THR I 58 -17.83 5.26 -21.62
CA THR I 58 -17.37 5.91 -20.39
C THR I 58 -18.28 5.61 -19.21
N GLU I 59 -18.90 4.44 -19.17
CA GLU I 59 -19.78 4.06 -18.07
C GLU I 59 -19.11 2.99 -17.20
N LEU I 60 -19.72 2.74 -16.05
CA LEU I 60 -19.22 1.72 -15.14
C LEU I 60 -19.43 0.33 -15.71
N LEU I 61 -18.49 -0.57 -15.41
CA LEU I 61 -18.47 -1.89 -15.99
C LEU I 61 -18.85 -3.01 -15.03
N ILE I 62 -18.90 -2.74 -13.73
CA ILE I 62 -19.33 -3.72 -12.74
C ILE I 62 -20.70 -3.31 -12.21
N ARG I 63 -21.50 -4.29 -11.83
CA ARG I 63 -22.87 -4.02 -11.42
C ARG I 63 -22.89 -3.32 -10.06
N LYS I 64 -23.94 -2.50 -9.86
CA LYS I 64 -24.00 -1.65 -8.69
C LYS I 64 -24.30 -2.45 -7.42
N LEU I 65 -25.29 -3.36 -7.49
CA LEU I 65 -25.73 -4.07 -6.30
C LEU I 65 -24.69 -5.04 -5.75
N PRO I 66 -24.01 -5.89 -6.54
CA PRO I 66 -22.94 -6.71 -5.94
C PRO I 66 -21.81 -5.89 -5.35
N PHE I 67 -21.45 -4.78 -5.99
CA PHE I 67 -20.41 -3.91 -5.42
C PHE I 67 -20.87 -3.30 -4.10
N GLN I 68 -22.14 -2.93 -4.00
CA GLN I 68 -22.66 -2.38 -2.76
C GLN I 68 -22.66 -3.43 -1.66
N ARG I 69 -23.05 -4.66 -1.98
CA ARG I 69 -22.99 -5.73 -1.00
C ARG I 69 -21.57 -6.00 -0.55
N LEU I 70 -20.62 -5.97 -1.50
CA LEU I 70 -19.22 -6.18 -1.15
C LEU I 70 -18.68 -5.09 -0.24
N VAL I 71 -18.99 -3.83 -0.54
CA VAL I 71 -18.45 -2.73 0.27
C VAL I 71 -19.08 -2.74 1.66
N ARG I 72 -20.37 -3.07 1.77
CA ARG I 72 -20.98 -3.18 3.09
C ARG I 72 -20.37 -4.34 3.89
N GLU I 73 -20.13 -5.48 3.23
CA GLU I 73 -19.54 -6.61 3.91
C GLU I 73 -18.12 -6.31 4.39
N ILE I 74 -17.34 -5.59 3.58
CA ILE I 74 -15.99 -5.23 4.01
C ILE I 74 -16.04 -4.22 5.16
N ALA I 75 -16.91 -3.22 5.06
CA ALA I 75 -16.98 -2.19 6.10
C ALA I 75 -17.55 -2.72 7.40
N GLN I 76 -18.29 -3.84 7.37
CA GLN I 76 -18.80 -4.42 8.60
C GLN I 76 -17.70 -4.90 9.53
N ASP I 77 -16.51 -5.19 9.00
CA ASP I 77 -15.42 -5.69 9.84
C ASP I 77 -14.78 -4.59 10.67
N PHE I 78 -15.03 -3.32 10.35
CA PHE I 78 -14.43 -2.23 11.13
C PHE I 78 -15.39 -1.66 12.15
N LYS I 79 -16.65 -1.42 11.78
CA LYS I 79 -17.64 -0.94 12.73
C LYS I 79 -19.01 -1.44 12.29
N THR I 80 -19.71 -2.10 13.21
CA THR I 80 -21.03 -2.61 12.91
C THR I 80 -22.06 -1.48 12.88
N ASP I 81 -23.15 -1.74 12.16
CA ASP I 81 -24.28 -0.81 12.02
C ASP I 81 -23.83 0.53 11.43
N LEU I 82 -23.34 0.47 10.20
CA LEU I 82 -22.91 1.66 9.46
C LEU I 82 -23.85 1.87 8.29
N ARG I 83 -24.13 3.14 7.99
CA ARG I 83 -24.93 3.53 6.85
C ARG I 83 -24.05 4.23 5.83
N PHE I 84 -24.43 4.11 4.56
CA PHE I 84 -23.68 4.69 3.46
C PHE I 84 -24.58 5.60 2.63
N GLN I 85 -24.06 6.77 2.28
CA GLN I 85 -24.68 7.56 1.23
C GLN I 85 -24.48 6.87 -0.11
N SER I 86 -25.40 7.14 -1.04
CA SER I 86 -25.26 6.58 -2.38
C SER I 86 -24.02 7.14 -3.07
N SER I 87 -23.72 8.43 -2.85
CA SER I 87 -22.56 9.05 -3.47
C SER I 87 -21.26 8.42 -3.00
N ALA I 88 -21.20 7.97 -1.75
CA ALA I 88 -20.01 7.29 -1.26
C ALA I 88 -19.74 6.00 -2.01
N VAL I 89 -20.80 5.20 -2.23
CA VAL I 89 -20.64 3.95 -2.96
C VAL I 89 -20.28 4.22 -4.41
N MET I 90 -20.86 5.26 -5.00
CA MET I 90 -20.52 5.61 -6.38
C MET I 90 -19.06 6.05 -6.50
N ALA I 91 -18.59 6.84 -5.53
CA ALA I 91 -17.19 7.27 -5.54
C ALA I 91 -16.24 6.10 -5.38
N LEU I 92 -16.59 5.16 -4.49
CA LEU I 92 -15.77 3.97 -4.32
C LEU I 92 -15.72 3.14 -5.59
N GLN I 93 -16.85 3.00 -6.28
CA GLN I 93 -16.88 2.23 -7.51
C GLN I 93 -16.05 2.90 -8.61
N GLU I 94 -16.14 4.24 -8.71
CA GLU I 94 -15.33 4.97 -9.69
C GLU I 94 -13.85 4.78 -9.43
N ALA I 95 -13.42 4.94 -8.17
CA ALA I 95 -12.01 4.79 -7.84
C ALA I 95 -11.52 3.37 -8.09
N SER I 96 -12.33 2.38 -7.73
CA SER I 96 -11.95 0.98 -7.94
C SER I 96 -11.81 0.66 -9.41
N GLU I 97 -12.75 1.13 -10.24
CA GLU I 97 -12.67 0.85 -11.66
C GLU I 97 -11.46 1.52 -12.30
N ALA I 98 -11.16 2.76 -11.90
CA ALA I 98 -9.97 3.44 -12.42
C ALA I 98 -8.70 2.69 -12.04
N TYR I 99 -8.61 2.25 -10.78
CA TYR I 99 -7.45 1.50 -10.33
C TYR I 99 -7.29 0.19 -11.10
N LEU I 100 -8.40 -0.52 -11.31
CA LEU I 100 -8.33 -1.79 -12.04
C LEU I 100 -7.92 -1.59 -13.49
N VAL I 101 -8.42 -0.53 -14.13
CA VAL I 101 -8.05 -0.27 -15.52
C VAL I 101 -6.56 0.06 -15.63
N ALA I 102 -6.05 0.89 -14.73
CA ALA I 102 -4.62 1.21 -14.75
C ALA I 102 -3.77 -0.03 -14.50
N LEU I 103 -4.19 -0.87 -13.55
CA LEU I 103 -3.44 -2.09 -13.27
C LEU I 103 -3.43 -3.03 -14.46
N PHE I 104 -4.56 -3.12 -15.18
CA PHE I 104 -4.61 -3.97 -16.36
C PHE I 104 -3.74 -3.42 -17.49
N GLU I 105 -3.64 -2.09 -17.61
CA GLU I 105 -2.72 -1.51 -18.59
C GLU I 105 -1.27 -1.88 -18.28
N ASP I 106 -0.87 -1.78 -17.00
CA ASP I 106 0.49 -2.17 -16.64
C ASP I 106 0.73 -3.66 -16.83
N THR I 107 -0.29 -4.48 -16.54
CA THR I 107 -0.19 -5.92 -16.75
C THR I 107 -0.02 -6.25 -18.23
N ASN I 108 -0.75 -5.54 -19.09
CA ASN I 108 -0.60 -5.74 -20.53
C ASN I 108 0.79 -5.34 -20.99
N LEU I 109 1.34 -4.27 -20.42
CA LEU I 109 2.72 -3.88 -20.74
C LEU I 109 3.71 -4.99 -20.36
N CYS I 110 3.54 -5.57 -19.17
CA CYS I 110 4.44 -6.64 -18.75
C CYS I 110 4.30 -7.87 -19.66
N ALA I 111 3.07 -8.20 -20.04
CA ALA I 111 2.84 -9.34 -20.93
C ALA I 111 3.47 -9.12 -22.30
N ILE I 112 3.37 -7.90 -22.83
CA ILE I 112 4.01 -7.58 -24.10
C ILE I 112 5.53 -7.67 -23.97
N HIS I 113 6.06 -7.20 -22.85
CA HIS I 113 7.51 -7.26 -22.62
C HIS I 113 8.00 -8.70 -22.53
N ALA I 114 7.18 -9.60 -22.00
CA ALA I 114 7.55 -11.01 -21.92
C ALA I 114 7.26 -11.78 -23.21
N LYS I 115 6.97 -11.08 -24.31
CA LYS I 115 6.70 -11.67 -25.63
C LYS I 115 5.52 -12.64 -25.59
N ARG I 116 4.40 -12.17 -25.02
CA ARG I 116 3.18 -12.95 -24.98
C ARG I 116 2.00 -12.04 -25.28
N VAL I 117 0.88 -12.68 -25.62
CA VAL I 117 -0.38 -11.98 -25.83
C VAL I 117 -1.31 -12.15 -24.64
N THR I 118 -1.29 -13.33 -24.02
CA THR I 118 -2.11 -13.61 -22.85
C THR I 118 -1.49 -12.99 -21.61
N ILE I 119 -2.33 -12.38 -20.78
CA ILE I 119 -1.88 -11.88 -19.48
C ILE I 119 -2.01 -13.01 -18.46
N MET I 120 -1.06 -13.07 -17.55
CA MET I 120 -0.97 -14.11 -16.53
C MET I 120 -0.79 -13.44 -15.18
N PRO I 121 -1.17 -14.12 -14.08
CA PRO I 121 -1.08 -13.48 -12.76
C PRO I 121 0.34 -13.06 -12.36
N LYS I 122 1.36 -13.69 -12.93
CA LYS I 122 2.73 -13.25 -12.67
C LYS I 122 2.96 -11.84 -13.19
N ASP I 123 2.29 -11.46 -14.28
CA ASP I 123 2.39 -10.09 -14.78
C ASP I 123 1.77 -9.09 -13.80
N ILE I 124 0.63 -9.44 -13.21
CA ILE I 124 0.01 -8.58 -12.22
C ILE I 124 0.92 -8.44 -11.00
N GLN I 125 1.52 -9.56 -10.57
CA GLN I 125 2.43 -9.51 -9.43
C GLN I 125 3.65 -8.64 -9.72
N LEU I 126 4.22 -8.75 -10.92
CA LEU I 126 5.35 -7.91 -11.28
C LEU I 126 4.96 -6.44 -11.34
N ALA I 127 3.80 -6.14 -11.93
CA ALA I 127 3.36 -4.75 -12.05
C ALA I 127 3.13 -4.14 -10.68
N ARG I 128 2.54 -4.89 -9.75
CA ARG I 128 2.34 -4.37 -8.41
C ARG I 128 3.66 -4.28 -7.64
N ARG I 129 4.60 -5.17 -7.92
CA ARG I 129 5.90 -5.11 -7.27
C ARG I 129 6.67 -3.87 -7.68
N ILE I 130 6.62 -3.51 -8.97
CA ILE I 130 7.40 -2.37 -9.45
C ILE I 130 6.83 -1.06 -8.93
N ARG I 131 5.51 -0.91 -8.92
CA ARG I 131 4.90 0.32 -8.45
C ARG I 131 4.80 0.42 -6.93
N GLY I 132 5.52 -0.44 -6.21
CA GLY I 132 5.60 -0.35 -4.75
C GLY I 132 4.33 -0.66 -3.99
N GLU I 133 3.58 -1.67 -4.41
CA GLU I 133 2.43 -2.11 -3.63
C GLU I 133 2.89 -2.97 -2.45
N ARG I 134 2.27 -2.74 -1.30
CA ARG I 134 2.72 -3.41 -0.07
C ARG I 134 2.50 -4.91 -0.14
N ALA I 135 1.36 -5.35 -0.65
CA ALA I 135 1.06 -6.78 -0.72
C ALA I 135 1.86 -7.45 -1.84
N ALA J 17 8.06 23.15 39.70
CA ALA J 17 8.39 21.98 40.52
C ALA J 17 8.61 20.76 39.65
N VAL J 18 7.58 19.93 39.52
CA VAL J 18 7.64 18.72 38.72
C VAL J 18 7.23 19.05 37.29
N SER J 19 8.05 18.62 36.33
CA SER J 19 7.78 18.90 34.93
C SER J 19 6.56 18.11 34.44
N ARG J 20 5.97 18.60 33.34
CA ARG J 20 4.84 17.90 32.74
C ARG J 20 5.25 16.54 32.20
N SER J 21 6.48 16.43 31.69
CA SER J 21 6.98 15.13 31.23
C SER J 21 7.09 14.15 32.39
N GLN J 22 7.53 14.62 33.56
CA GLN J 22 7.60 13.76 34.72
C GLN J 22 6.22 13.41 35.25
N ARG J 23 5.27 14.34 35.13
CA ARG J 23 3.89 14.04 35.51
C ARG J 23 3.29 12.95 34.62
N ALA J 24 3.56 13.02 33.31
CA ALA J 24 3.05 12.02 32.37
C ALA J 24 3.96 10.80 32.28
N GLY J 25 5.08 10.78 33.00
CA GLY J 25 6.00 9.67 32.92
C GLY J 25 6.68 9.51 31.58
N LEU J 26 7.10 10.62 30.97
CA LEU J 26 7.70 10.61 29.64
C LEU J 26 9.05 11.30 29.69
N GLN J 27 9.88 10.96 28.70
CA GLN J 27 11.19 11.60 28.54
C GLN J 27 11.15 12.79 27.59
N PHE J 28 10.32 12.73 26.56
CA PHE J 28 10.25 13.81 25.59
C PHE J 28 9.61 15.06 26.20
N PRO J 29 10.03 16.25 25.78
CA PRO J 29 9.56 17.49 26.42
C PRO J 29 8.13 17.82 26.02
N VAL J 30 7.24 17.92 27.01
CA VAL J 30 5.86 18.29 26.73
C VAL J 30 5.78 19.77 26.34
N GLY J 31 6.55 20.62 27.01
CA GLY J 31 6.46 22.05 26.74
C GLY J 31 6.94 22.43 25.35
N ARG J 32 8.07 21.87 24.92
CA ARG J 32 8.61 22.18 23.59
C ARG J 32 7.69 21.67 22.49
N ILE J 33 7.15 20.46 22.67
CA ILE J 33 6.25 19.90 21.67
C ILE J 33 4.95 20.70 21.62
N HIS J 34 4.47 21.15 22.78
CA HIS J 34 3.29 22.02 22.81
C HIS J 34 3.55 23.32 22.09
N ARG J 35 4.74 23.91 22.29
CA ARG J 35 5.08 25.16 21.61
C ARG J 35 5.17 24.96 20.10
N HIS J 36 5.79 23.88 19.65
CA HIS J 36 5.88 23.62 18.21
C HIS J 36 4.52 23.37 17.60
N LEU J 37 3.67 22.60 18.29
CA LEU J 37 2.33 22.34 17.80
C LEU J 37 1.51 23.62 17.73
N LYS J 38 1.64 24.49 18.73
CA LYS J 38 0.92 25.76 18.72
C LYS J 38 1.45 26.69 17.64
N SER J 39 2.73 26.58 17.29
CA SER J 39 3.29 27.40 16.23
C SER J 39 3.11 26.78 14.85
N ARG J 40 2.55 25.58 14.75
CA ARG J 40 2.33 24.94 13.46
C ARG J 40 0.86 24.55 13.29
N THR J 41 -0.04 25.50 13.58
CA THR J 41 -1.47 25.30 13.33
C THR J 41 -2.01 26.45 12.48
N THR J 42 -3.33 26.53 12.35
CA THR J 42 -3.95 27.57 11.52
C THR J 42 -3.88 28.92 12.22
N SER J 43 -4.54 29.92 11.62
CA SER J 43 -4.41 31.30 12.07
C SER J 43 -4.93 31.48 13.49
N HIS J 44 -6.08 30.89 13.80
CA HIS J 44 -6.66 30.95 15.14
C HIS J 44 -6.63 29.58 15.81
N GLY J 45 -5.57 28.82 15.56
CA GLY J 45 -5.47 27.48 16.12
C GLY J 45 -5.16 27.53 17.60
N ARG J 46 -5.74 26.57 18.34
CA ARG J 46 -5.50 26.40 19.75
C ARG J 46 -5.11 24.95 20.00
N VAL J 47 -4.23 24.73 20.97
CA VAL J 47 -3.72 23.39 21.26
C VAL J 47 -3.92 23.12 22.75
N GLY J 48 -4.55 21.99 23.06
CA GLY J 48 -4.66 21.57 24.45
C GLY J 48 -3.38 20.90 24.93
N ALA J 49 -3.25 20.83 26.26
CA ALA J 49 -2.08 20.20 26.86
C ALA J 49 -2.08 18.70 26.63
N THR J 50 -3.25 18.08 26.68
CA THR J 50 -3.35 16.64 26.49
C THR J 50 -2.95 16.23 25.08
N ALA J 51 -3.13 17.11 24.09
CA ALA J 51 -2.64 16.84 22.74
C ALA J 51 -1.12 16.75 22.72
N ALA J 52 -0.45 17.66 23.43
CA ALA J 52 1.00 17.62 23.52
C ALA J 52 1.47 16.37 24.25
N VAL J 53 0.77 15.99 25.32
CA VAL J 53 1.11 14.76 26.04
C VAL J 53 0.97 13.54 25.13
N TYR J 54 -0.12 13.48 24.38
CA TYR J 54 -0.37 12.36 23.47
C TYR J 54 0.72 12.28 22.40
N SER J 55 1.07 13.42 21.80
CA SER J 55 2.07 13.43 20.74
C SER J 55 3.46 13.07 21.27
N ALA J 56 3.79 13.55 22.48
CA ALA J 56 5.07 13.18 23.08
C ALA J 56 5.13 11.68 23.36
N ALA J 57 4.02 11.10 23.82
CA ALA J 57 3.97 9.66 24.03
C ALA J 57 4.15 8.89 22.73
N ILE J 58 3.53 9.38 21.64
CA ILE J 58 3.67 8.72 20.35
C ILE J 58 5.12 8.74 19.88
N LEU J 59 5.76 9.92 19.97
CA LEU J 59 7.15 10.05 19.53
C LEU J 59 8.08 9.18 20.37
N GLU J 60 7.88 9.17 21.68
CA GLU J 60 8.73 8.35 22.55
C GLU J 60 8.56 6.86 22.25
N TYR J 61 7.31 6.42 22.03
CA TYR J 61 7.08 5.02 21.71
C TYR J 61 7.74 4.62 20.39
N LEU J 62 7.62 5.47 19.36
CA LEU J 62 8.24 5.15 18.08
C LEU J 62 9.76 5.10 18.17
N THR J 63 10.36 6.05 18.90
CA THR J 63 11.80 6.03 19.09
C THR J 63 12.23 4.78 19.85
N ALA J 64 11.47 4.38 20.88
CA ALA J 64 11.79 3.19 21.63
C ALA J 64 11.74 1.94 20.76
N GLU J 65 10.72 1.83 19.91
CA GLU J 65 10.60 0.68 19.02
C GLU J 65 11.78 0.61 18.05
N VAL J 66 12.10 1.73 17.41
CA VAL J 66 13.19 1.76 16.43
C VAL J 66 14.52 1.45 17.11
N LEU J 67 14.78 2.04 18.28
CA LEU J 67 16.04 1.82 18.96
C LEU J 67 16.16 0.39 19.48
N GLU J 68 15.04 -0.21 19.90
CA GLU J 68 15.06 -1.61 20.32
C GLU J 68 15.44 -2.52 19.16
N LEU J 69 14.83 -2.32 18.00
CA LEU J 69 15.16 -3.14 16.84
C LEU J 69 16.61 -2.91 16.41
N ALA J 70 17.08 -1.66 16.43
CA ALA J 70 18.45 -1.36 16.03
C ALA J 70 19.46 -1.97 17.00
N GLY J 71 19.17 -1.94 18.30
CA GLY J 71 20.06 -2.55 19.27
C GLY J 71 20.12 -4.05 19.14
N ASN J 72 18.97 -4.68 18.84
CA ASN J 72 18.98 -6.12 18.58
C ASN J 72 19.82 -6.45 17.35
N ALA J 73 19.69 -5.65 16.30
CA ALA J 73 20.49 -5.87 15.09
C ALA J 73 21.99 -5.67 15.37
N SER J 74 22.31 -4.68 16.21
CA SER J 74 23.71 -4.45 16.58
C SER J 74 24.29 -5.59 17.39
N LYS J 75 23.51 -6.10 18.37
CA LYS J 75 23.97 -7.23 19.15
C LYS J 75 24.03 -8.52 18.32
N ASP J 76 23.29 -8.58 17.22
CA ASP J 76 23.43 -9.70 16.30
C ASP J 76 24.83 -9.74 15.67
N LEU J 77 25.37 -8.57 15.35
CA LEU J 77 26.70 -8.46 14.74
C LEU J 77 27.81 -8.33 15.77
N LYS J 78 27.49 -8.45 17.06
CA LYS J 78 28.46 -8.44 18.15
C LYS J 78 29.23 -7.12 18.22
N VAL J 79 28.49 -6.01 18.20
CA VAL J 79 29.05 -4.68 18.38
C VAL J 79 28.16 -3.92 19.37
N LYS J 80 28.77 -3.08 20.19
CA LYS J 80 28.06 -2.32 21.21
C LYS J 80 27.91 -0.85 20.84
N ARG J 81 27.67 -0.56 19.56
CA ARG J 81 27.45 0.80 19.12
C ARG J 81 26.56 0.77 17.88
N ILE J 82 25.58 1.65 17.84
CA ILE J 82 24.59 1.67 16.77
C ILE J 82 25.09 2.58 15.65
N THR J 83 25.07 2.07 14.43
CA THR J 83 25.47 2.75 13.22
C THR J 83 24.28 2.84 12.28
N PRO J 84 24.31 3.72 11.27
CA PRO J 84 23.20 3.79 10.31
C PRO J 84 22.96 2.48 9.57
N ARG J 85 23.96 1.63 9.43
CA ARG J 85 23.76 0.30 8.87
C ARG J 85 22.79 -0.51 9.73
N HIS J 86 22.95 -0.43 11.05
CA HIS J 86 22.05 -1.14 11.96
C HIS J 86 20.63 -0.58 11.87
N LEU J 87 20.50 0.74 11.74
CA LEU J 87 19.18 1.34 11.57
C LEU J 87 18.52 0.87 10.29
N GLN J 88 19.28 0.80 9.19
CA GLN J 88 18.73 0.32 7.94
C GLN J 88 18.30 -1.14 8.05
N LEU J 89 19.14 -1.98 8.68
CA LEU J 89 18.80 -3.39 8.84
C LEU J 89 17.56 -3.57 9.70
N ALA J 90 17.42 -2.75 10.75
CA ALA J 90 16.25 -2.86 11.61
C ALA J 90 14.98 -2.39 10.91
N ILE J 91 15.06 -1.25 10.22
CA ILE J 91 13.87 -0.67 9.60
C ILE J 91 13.40 -1.53 8.43
N ARG J 92 14.31 -1.93 7.56
CA ARG J 92 13.91 -2.73 6.40
C ARG J 92 13.57 -4.16 6.76
N GLY J 93 13.93 -4.63 7.95
CA GLY J 93 13.60 -5.99 8.34
C GLY J 93 12.20 -6.15 8.91
N ASP J 94 11.52 -5.05 9.23
CA ASP J 94 10.18 -5.07 9.77
C ASP J 94 9.23 -4.43 8.76
N GLU J 95 8.11 -5.10 8.49
CA GLU J 95 7.22 -4.66 7.42
C GLU J 95 6.50 -3.36 7.78
N GLU J 96 6.07 -3.22 9.03
CA GLU J 96 5.32 -2.02 9.42
C GLU J 96 6.24 -0.80 9.47
N LEU J 97 7.46 -0.97 10.00
CA LEU J 97 8.40 0.13 10.01
C LEU J 97 8.85 0.48 8.59
N ASP J 98 8.94 -0.53 7.71
CA ASP J 98 9.26 -0.26 6.31
C ASP J 98 8.16 0.53 5.62
N SER J 99 6.90 0.20 5.93
CA SER J 99 5.78 0.94 5.35
C SER J 99 5.72 2.36 5.89
N LEU J 100 6.00 2.54 7.18
CA LEU J 100 5.93 3.88 7.77
C LEU J 100 7.07 4.76 7.28
N ILE J 101 8.29 4.22 7.22
CA ILE J 101 9.48 4.99 6.91
C ILE J 101 9.85 4.71 5.46
N LYS J 102 9.47 5.61 4.56
CA LYS J 102 9.79 5.50 3.15
C LYS J 102 11.02 6.31 2.76
N ALA J 103 11.69 6.95 3.71
CA ALA J 103 12.81 7.82 3.41
C ALA J 103 14.06 7.02 3.07
N THR J 104 15.11 7.72 2.70
CA THR J 104 16.38 7.12 2.34
C THR J 104 17.38 7.37 3.47
N ILE J 105 17.97 6.30 3.98
CA ILE J 105 18.93 6.39 5.07
C ILE J 105 20.33 6.53 4.49
N ALA J 106 20.99 7.63 4.81
CA ALA J 106 22.33 7.88 4.29
C ALA J 106 23.33 6.95 4.98
N GLY J 107 24.08 6.20 4.18
CA GLY J 107 25.03 5.25 4.72
C GLY J 107 24.44 3.93 5.18
N GLY J 108 23.15 3.70 4.92
CA GLY J 108 22.53 2.46 5.36
C GLY J 108 22.78 1.27 4.46
N GLY J 109 23.17 1.50 3.21
CA GLY J 109 23.41 0.39 2.33
C GLY J 109 22.12 -0.27 1.85
N VAL J 110 22.28 -1.50 1.36
CA VAL J 110 21.20 -2.28 0.78
C VAL J 110 21.13 -3.61 1.51
N ILE J 111 19.92 -4.08 1.78
CA ILE J 111 19.70 -5.39 2.39
C ILE J 111 20.18 -6.46 1.43
N PRO J 112 21.08 -7.35 1.85
CA PRO J 112 21.62 -8.36 0.93
C PRO J 112 20.57 -9.40 0.56
N HIS J 113 20.38 -9.58 -0.75
CA HIS J 113 19.42 -10.56 -1.27
C HIS J 113 19.78 -10.86 -2.71
N ILE J 114 19.93 -12.14 -3.04
CA ILE J 114 20.20 -12.59 -4.39
C ILE J 114 19.06 -13.50 -4.82
N HIS J 115 18.49 -13.23 -6.00
CA HIS J 115 17.38 -14.02 -6.50
C HIS J 115 17.82 -15.45 -6.80
N LYS J 116 16.93 -16.41 -6.55
CA LYS J 116 17.28 -17.82 -6.69
C LYS J 116 17.46 -18.24 -8.15
N SER J 117 16.92 -17.48 -9.10
CA SER J 117 17.10 -17.81 -10.50
C SER J 117 18.51 -17.52 -11.00
N LEU J 118 19.33 -16.82 -10.21
CA LEU J 118 20.68 -16.47 -10.61
C LEU J 118 21.70 -17.55 -10.21
N ILE J 119 21.75 -17.89 -8.92
CA ILE J 119 22.73 -18.87 -8.45
C ILE J 119 22.38 -20.26 -8.95
N GLY J 120 21.12 -20.66 -8.84
CA GLY J 120 20.69 -21.97 -9.26
C GLY J 120 19.58 -22.48 -8.36
N LYS J 121 19.21 -23.75 -8.57
CA LYS J 121 18.13 -24.36 -7.81
C LYS J 121 18.48 -24.47 -6.33
N LYS J 122 19.69 -24.90 -6.02
CA LYS J 122 20.14 -25.06 -4.64
C LYS J 122 21.10 -23.93 -4.30
N GLY J 123 20.78 -23.17 -3.26
CA GLY J 123 21.62 -22.08 -2.83
C GLY J 123 20.89 -21.18 -1.87
N GLN J 124 21.65 -20.24 -1.30
CA GLN J 124 21.15 -19.24 -0.35
C GLN J 124 20.45 -19.88 0.85
N LYS K 29 21.96 34.50 18.78
CA LYS K 29 21.92 33.63 17.62
C LYS K 29 20.90 32.52 17.79
N THR K 30 20.44 31.97 16.66
CA THR K 30 19.45 30.90 16.70
C THR K 30 20.10 29.59 17.14
N ARG K 31 19.54 28.97 18.18
CA ARG K 31 20.04 27.70 18.69
C ARG K 31 19.15 26.59 18.13
N LYS K 32 19.77 25.70 17.34
CA LYS K 32 19.02 24.63 16.69
C LYS K 32 18.70 23.56 17.73
N GLU K 33 17.43 23.52 18.15
CA GLU K 33 16.99 22.54 19.13
C GLU K 33 16.91 21.16 18.49
N SER K 34 17.45 20.16 19.17
CA SER K 34 17.42 18.78 18.71
C SER K 34 16.77 17.91 19.79
N TYR K 35 16.53 16.65 19.43
CA TYR K 35 15.98 15.66 20.35
C TYR K 35 17.03 14.64 20.78
N ALA K 36 18.31 15.01 20.68
CA ALA K 36 19.40 14.07 20.93
C ALA K 36 19.41 13.60 22.38
N ILE K 37 19.14 14.50 23.32
CA ILE K 37 19.16 14.15 24.74
C ILE K 37 18.07 13.13 25.05
N TYR K 38 16.87 13.35 24.53
CA TYR K 38 15.75 12.47 24.82
C TYR K 38 15.90 11.13 24.11
N VAL K 39 16.44 11.13 22.90
CA VAL K 39 16.74 9.88 22.20
C VAL K 39 17.78 9.09 22.98
N TYR K 40 18.79 9.78 23.53
CA TYR K 40 19.79 9.11 24.34
C TYR K 40 19.19 8.51 25.61
N LYS K 41 18.27 9.24 26.24
CA LYS K 41 17.59 8.72 27.43
C LYS K 41 16.76 7.48 27.09
N VAL K 42 16.06 7.50 25.96
CA VAL K 42 15.28 6.33 25.53
C VAL K 42 16.19 5.16 25.25
N LEU K 43 17.34 5.41 24.60
CA LEU K 43 18.29 4.35 24.32
C LEU K 43 18.84 3.74 25.61
N LYS K 44 19.13 4.58 26.60
CA LYS K 44 19.52 4.06 27.91
C LYS K 44 18.40 3.24 28.54
N GLN K 45 17.14 3.59 28.24
CA GLN K 45 16.01 2.86 28.79
C GLN K 45 15.90 1.46 28.18
N VAL K 46 16.05 1.34 26.86
CA VAL K 46 15.79 0.07 26.19
C VAL K 46 17.06 -0.78 26.08
N HIS K 47 18.21 -0.17 25.82
CA HIS K 47 19.49 -0.88 25.73
C HIS K 47 20.49 -0.17 26.62
N PRO K 48 20.61 -0.59 27.88
CA PRO K 48 21.38 0.20 28.86
C PRO K 48 22.89 0.21 28.62
N ASP K 49 23.42 -0.64 27.74
CA ASP K 49 24.86 -0.75 27.57
C ASP K 49 25.39 -0.38 26.20
N THR K 50 24.53 -0.06 25.23
CA THR K 50 24.95 0.22 23.87
C THR K 50 25.02 1.73 23.65
N GLY K 51 26.02 2.16 22.87
CA GLY K 51 26.14 3.54 22.47
C GLY K 51 25.47 3.81 21.14
N ILE K 52 25.71 4.99 20.61
CA ILE K 52 25.17 5.39 19.31
C ILE K 52 26.11 6.40 18.68
N SER K 53 26.28 6.30 17.37
CA SER K 53 27.17 7.20 16.65
C SER K 53 26.45 8.51 16.32
N SER K 54 27.21 9.46 15.77
CA SER K 54 26.65 10.77 15.47
C SER K 54 25.76 10.72 14.24
N LYS K 55 26.14 9.92 13.24
CA LYS K 55 25.30 9.78 12.04
C LYS K 55 23.96 9.17 12.38
N ALA K 56 23.95 8.14 13.23
CA ALA K 56 22.70 7.52 13.64
C ALA K 56 21.85 8.49 14.45
N MET K 57 22.48 9.33 15.27
CA MET K 57 21.73 10.33 16.04
C MET K 57 21.10 11.36 15.12
N SER K 58 21.82 11.79 14.08
CA SER K 58 21.24 12.72 13.11
C SER K 58 20.07 12.08 12.38
N ILE K 59 20.20 10.80 12.02
CA ILE K 59 19.11 10.10 11.34
C ILE K 59 17.90 9.99 12.26
N MET K 60 18.12 9.71 13.54
CA MET K 60 17.01 9.64 14.49
C MET K 60 16.34 11.00 14.66
N ASN K 61 17.12 12.08 14.70
CA ASN K 61 16.53 13.42 14.79
C ASN K 61 15.67 13.72 13.58
N SER K 62 16.16 13.39 12.40
CA SER K 62 15.38 13.61 11.17
C SER K 62 14.11 12.79 11.17
N PHE K 63 14.19 11.54 11.65
CA PHE K 63 13.01 10.68 11.74
C PHE K 63 11.96 11.27 12.68
N VAL K 64 12.40 11.75 13.84
CA VAL K 64 11.48 12.35 14.80
C VAL K 64 10.81 13.58 14.22
N ASN K 65 11.59 14.44 13.56
CA ASN K 65 11.03 15.65 12.96
C ASN K 65 10.03 15.31 11.86
N ASP K 66 10.33 14.30 11.03
CA ASP K 66 9.44 13.91 9.95
C ASP K 66 8.11 13.38 10.50
N VAL K 67 8.18 12.51 11.51
CA VAL K 67 6.96 11.95 12.08
C VAL K 67 6.13 13.04 12.76
N PHE K 68 6.78 13.95 13.48
CA PHE K 68 6.07 15.05 14.12
C PHE K 68 5.40 15.95 13.10
N GLU K 69 6.08 16.23 11.98
CA GLU K 69 5.49 17.05 10.93
C GLU K 69 4.27 16.38 10.33
N ARG K 70 4.34 15.07 10.07
CA ARG K 70 3.19 14.34 9.56
C ARG K 70 2.01 14.39 10.53
N ILE K 71 2.29 14.19 11.82
CA ILE K 71 1.23 14.20 12.82
C ILE K 71 0.56 15.57 12.89
N ALA K 72 1.37 16.63 12.90
CA ALA K 72 0.83 17.99 12.98
C ALA K 72 0.00 18.32 11.75
N GLY K 73 0.48 17.95 10.56
CA GLY K 73 -0.29 18.21 9.35
C GLY K 73 -1.61 17.49 9.32
N GLU K 74 -1.62 16.21 9.70
CA GLU K 74 -2.87 15.44 9.72
C GLU K 74 -3.83 16.01 10.76
N ALA K 75 -3.32 16.41 11.93
CA ALA K 75 -4.19 16.96 12.96
C ALA K 75 -4.82 18.27 12.52
N SER K 76 -4.03 19.15 11.89
CA SER K 76 -4.58 20.41 11.40
C SER K 76 -5.61 20.18 10.30
N ARG K 77 -5.35 19.20 9.43
CA ARG K 77 -6.32 18.87 8.38
C ARG K 77 -7.62 18.34 8.97
N LEU K 78 -7.51 17.48 9.99
CA LEU K 78 -8.71 16.94 10.65
C LEU K 78 -9.50 18.04 11.35
N ALA K 79 -8.79 18.98 11.98
CA ALA K 79 -9.47 20.10 12.62
C ALA K 79 -10.19 20.97 11.59
N HIS K 80 -9.55 21.19 10.44
CA HIS K 80 -10.18 22.01 9.40
C HIS K 80 -11.38 21.31 8.78
N TYR K 81 -11.35 19.98 8.69
CA TYR K 81 -12.46 19.25 8.07
C TYR K 81 -13.74 19.37 8.88
N ASN K 82 -13.62 19.40 10.21
CA ASN K 82 -14.77 19.40 11.10
C ASN K 82 -15.13 20.79 11.60
N LYS K 83 -14.57 21.83 11.00
CA LYS K 83 -14.83 23.23 11.38
C LYS K 83 -14.52 23.48 12.85
N ARG K 84 -13.40 22.94 13.30
CA ARG K 84 -12.92 23.12 14.67
C ARG K 84 -11.68 23.99 14.68
N SER K 85 -11.53 24.79 15.73
CA SER K 85 -10.38 25.66 15.87
C SER K 85 -9.30 25.08 16.78
N THR K 86 -9.67 24.22 17.72
CA THR K 86 -8.74 23.69 18.71
C THR K 86 -8.26 22.31 18.32
N ILE K 87 -6.98 22.05 18.59
CA ILE K 87 -6.38 20.73 18.42
C ILE K 87 -6.42 20.05 19.77
N THR K 88 -7.15 18.94 19.87
CA THR K 88 -7.30 18.19 21.10
C THR K 88 -6.61 16.83 20.95
N SER K 89 -6.74 16.01 21.99
CA SER K 89 -6.18 14.67 21.95
C SER K 89 -6.92 13.76 20.99
N ARG K 90 -8.19 14.05 20.71
CA ARG K 90 -8.94 13.26 19.73
C ARG K 90 -8.35 13.41 18.33
N GLU K 91 -7.96 14.62 17.96
CA GLU K 91 -7.35 14.84 16.65
C GLU K 91 -6.02 14.10 16.54
N ILE K 92 -5.23 14.12 17.61
CA ILE K 92 -3.95 13.41 17.60
C ILE K 92 -4.17 11.91 17.50
N GLN K 93 -5.17 11.39 18.22
CA GLN K 93 -5.47 9.96 18.16
C GLN K 93 -5.94 9.55 16.78
N THR K 94 -6.79 10.37 16.15
CA THR K 94 -7.25 10.08 14.80
C THR K 94 -6.11 10.14 13.80
N ALA K 95 -5.21 11.11 13.95
CA ALA K 95 -4.05 11.20 13.07
C ALA K 95 -3.13 9.99 13.23
N VAL K 96 -2.96 9.51 14.47
CA VAL K 96 -2.15 8.31 14.70
C VAL K 96 -2.80 7.10 14.05
N ARG K 97 -4.13 6.97 14.18
CA ARG K 97 -4.82 5.86 13.55
C ARG K 97 -4.73 5.93 12.02
N LEU K 98 -4.71 7.14 11.46
CA LEU K 98 -4.62 7.28 10.01
C LEU K 98 -3.21 6.98 9.50
N LEU K 99 -2.19 7.46 10.21
CA LEU K 99 -0.84 7.38 9.67
C LEU K 99 -0.17 6.04 9.97
N LEU K 100 -0.17 5.61 11.22
CA LEU K 100 0.54 4.41 11.60
C LEU K 100 -0.23 3.17 11.17
N PRO K 101 0.40 2.22 10.49
CA PRO K 101 -0.31 1.01 10.06
C PRO K 101 -0.21 -0.14 11.04
N GLY K 102 -1.26 -0.95 11.04
CA GLY K 102 -1.27 -2.22 11.76
C GLY K 102 -1.21 -2.08 13.27
N GLU K 103 -0.44 -3.00 13.88
CA GLU K 103 -0.33 -3.06 15.33
C GLU K 103 0.41 -1.85 15.90
N LEU K 104 1.18 -1.14 15.07
CA LEU K 104 1.81 0.09 15.52
C LEU K 104 0.78 1.11 15.98
N ALA K 105 -0.31 1.25 15.24
CA ALA K 105 -1.37 2.18 15.62
C ALA K 105 -2.00 1.78 16.95
N LYS K 106 -2.26 0.48 17.14
CA LYS K 106 -2.89 0.02 18.38
C LYS K 106 -1.99 0.26 19.57
N HIS K 107 -0.70 -0.09 19.46
CA HIS K 107 0.20 0.09 20.59
C HIS K 107 0.46 1.56 20.86
N ALA K 108 0.53 2.39 19.80
CA ALA K 108 0.69 3.82 19.99
C ALA K 108 -0.51 4.44 20.68
N VAL K 109 -1.72 4.01 20.29
CA VAL K 109 -2.92 4.51 20.95
C VAL K 109 -2.94 4.10 22.42
N SER K 110 -2.54 2.87 22.71
CA SER K 110 -2.48 2.43 24.11
C SER K 110 -1.47 3.25 24.91
N GLU K 111 -0.29 3.50 24.34
CA GLU K 111 0.72 4.29 25.03
C GLU K 111 0.25 5.72 25.27
N GLY K 112 -0.38 6.34 24.26
CA GLY K 112 -0.88 7.69 24.43
C GLY K 112 -1.99 7.80 25.45
N THR K 113 -2.92 6.84 25.43
CA THR K 113 -3.99 6.84 26.42
C THR K 113 -3.45 6.66 27.83
N LYS K 114 -2.47 5.76 27.99
CA LYS K 114 -1.84 5.59 29.29
C LYS K 114 -1.16 6.86 29.77
N ALA K 115 -0.45 7.55 28.86
CA ALA K 115 0.22 8.79 29.22
C ALA K 115 -0.76 9.87 29.62
N VAL K 116 -1.86 10.01 28.88
CA VAL K 116 -2.86 11.03 29.20
C VAL K 116 -3.53 10.72 30.53
N THR K 117 -3.84 9.45 30.78
CA THR K 117 -4.45 9.06 32.05
C THR K 117 -3.51 9.31 33.22
N LYS K 118 -2.22 9.01 33.05
CA LYS K 118 -1.26 9.30 34.11
C LYS K 118 -1.11 10.80 34.34
N TYR K 119 -1.13 11.59 33.26
CA TYR K 119 -1.00 13.04 33.38
C TYR K 119 -2.19 13.65 34.09
N THR K 120 -3.40 13.20 33.76
CA THR K 120 -4.60 13.86 34.25
C THR K 120 -5.06 13.30 35.59
N SER K 121 -5.26 11.99 35.66
CA SER K 121 -5.88 11.39 36.84
C SER K 121 -4.94 11.36 38.03
N ALA K 122 -3.68 10.99 37.82
CA ALA K 122 -2.76 10.79 38.93
C ALA K 122 -2.37 12.11 39.59
N LYS K 123 -2.04 13.12 38.80
CA LYS K 123 -1.61 14.40 39.34
C LYS K 123 -2.42 15.55 38.76
#